data_1LAR
#
_entry.id   1LAR
#
_cell.length_a   66.920
_cell.length_b   62.730
_cell.length_c   161.590
_cell.angle_alpha   90.00
_cell.angle_beta   98.94
_cell.angle_gamma   90.00
#
_symmetry.space_group_name_H-M   'P 1 21 1'
#
loop_
_entity.id
_entity.type
_entity.pdbx_description
1 polymer 'PROTEIN (LAR)'
2 water water
#
_entity_poly.entity_id   1
_entity_poly.type   'polypeptide(L)'
_entity_poly.pdbx_seq_one_letter_code
;MITDLADNIERLKANDGLKFSQEYESIDPGQQFTWENSNLEVNKPKNRYANVIAYDHSRVILTSIDGVPGSDYINANYID
GYRKQNAYIATQGPLPETMGDFWRMVWEQRTATVVMMTRLEEKSRVKCDQYWPARGTETCGLIQVTLLDTVELATYTVRT
FALHKSGSSEKRELRQFQFMAWPDHGVPEYPTPILAFLRRVKACNPLDAGPMVVHCSAGVGRTGCFIVIDAMLERMKHEK
TVDIYGHVTCMRSQRNYMVQTEDQYVFIHEALLEAATCGHTEVPARNLYAHIQKLGQVPPGESVTAMELEFKLLASSKAH
TSRFISANLPCNKFKNRLVNIMPYELTRVCLQPIRGVEGSDYINASFLDGYRQQKAYIATQGPLAESTEDFWRMLWEHNS
TIIVMLTKLREMGREKCHQYWPAERSARYQYFVVDPMAEYNMPQYILREFKVTDARDGQSRTIRQFQFTDWPEQGVPKTG
EGFIDFIGQVHKTKEQFGQDGPITVHCSAGVGRTGVFITLSIVLERMRYEGVVDMFQTVKTLRTQRPAMVQTEDQYQLCY
RAALEYLGSFDHYAT
;
_entity_poly.pdbx_strand_id   A,B
#
# COMPACT_ATOMS: atom_id res chain seq x y z
N MET A 1 -28.11 -26.23 27.05
CA MET A 1 -26.95 -26.80 26.32
C MET A 1 -25.65 -26.21 26.85
N ILE A 2 -25.78 -25.18 27.67
CA ILE A 2 -24.62 -24.52 28.24
C ILE A 2 -23.79 -25.46 29.12
N THR A 3 -24.44 -26.09 30.09
CA THR A 3 -23.75 -27.01 30.97
C THR A 3 -23.13 -28.17 30.19
N ASP A 4 -23.86 -28.67 29.19
CA ASP A 4 -23.35 -29.76 28.36
C ASP A 4 -22.04 -29.30 27.76
N LEU A 5 -22.12 -28.24 26.95
CA LEU A 5 -20.97 -27.67 26.29
C LEU A 5 -19.81 -27.48 27.26
N ALA A 6 -20.07 -26.78 28.36
CA ALA A 6 -19.05 -26.52 29.37
C ALA A 6 -18.47 -27.83 29.91
N ASP A 7 -19.32 -28.84 30.02
CA ASP A 7 -18.92 -30.16 30.51
C ASP A 7 -18.04 -30.87 29.48
N ASN A 8 -18.51 -30.86 28.23
CA ASN A 8 -17.76 -31.49 27.14
C ASN A 8 -16.37 -30.86 27.12
N ILE A 9 -16.32 -29.53 27.20
CA ILE A 9 -15.05 -28.82 27.18
C ILE A 9 -14.14 -29.22 28.34
N GLU A 10 -14.77 -29.66 29.44
CA GLU A 10 -14.04 -30.06 30.63
C GLU A 10 -13.20 -31.34 30.48
N ARG A 11 -13.78 -32.36 29.84
CA ARG A 11 -13.06 -33.63 29.64
C ARG A 11 -11.98 -33.53 28.57
N LEU A 12 -12.26 -32.78 27.51
CA LEU A 12 -11.29 -32.60 26.44
C LEU A 12 -10.10 -31.80 26.99
N LYS A 13 -10.41 -30.84 27.86
CA LYS A 13 -9.41 -29.99 28.48
C LYS A 13 -8.59 -30.71 29.58
N ALA A 14 -9.08 -31.87 30.00
CA ALA A 14 -8.44 -32.64 31.07
C ALA A 14 -7.16 -33.41 30.70
N ASN A 15 -6.20 -33.38 31.63
CA ASN A 15 -4.92 -34.07 31.48
C ASN A 15 -4.06 -33.50 30.36
N ASP A 16 -3.57 -32.28 30.55
CA ASP A 16 -2.75 -31.62 29.54
C ASP A 16 -3.61 -31.39 28.29
N GLY A 17 -4.91 -31.70 28.41
CA GLY A 17 -5.82 -31.54 27.29
C GLY A 17 -5.69 -32.68 26.30
N LEU A 18 -5.63 -33.89 26.83
CA LEU A 18 -5.51 -35.10 26.02
C LEU A 18 -6.62 -35.35 25.02
N LYS A 19 -7.86 -35.43 25.50
CA LYS A 19 -8.99 -35.72 24.63
C LYS A 19 -9.27 -34.65 23.55
N PHE A 20 -8.84 -33.42 23.79
CA PHE A 20 -9.04 -32.36 22.80
C PHE A 20 -8.16 -32.71 21.62
N SER A 21 -6.90 -33.00 21.93
CA SER A 21 -5.89 -33.38 20.93
C SER A 21 -6.37 -34.59 20.12
N GLN A 22 -6.82 -35.62 20.82
CA GLN A 22 -7.30 -36.84 20.20
C GLN A 22 -8.48 -36.57 19.26
N GLU A 23 -9.43 -35.77 19.73
CA GLU A 23 -10.60 -35.43 18.93
C GLU A 23 -10.20 -34.58 17.72
N TYR A 24 -9.35 -33.58 17.93
CA TYR A 24 -8.91 -32.71 16.86
C TYR A 24 -8.19 -33.45 15.74
N GLU A 25 -7.21 -34.27 16.12
CA GLU A 25 -6.44 -35.04 15.16
C GLU A 25 -7.30 -36.10 14.47
N SER A 26 -8.46 -36.38 15.04
CA SER A 26 -9.39 -37.36 14.49
C SER A 26 -10.28 -36.80 13.38
N ILE A 27 -10.37 -35.48 13.26
CA ILE A 27 -11.22 -34.87 12.23
C ILE A 27 -10.88 -35.43 10.87
N ASP A 28 -11.84 -36.10 10.25
CA ASP A 28 -11.62 -36.72 8.94
C ASP A 28 -12.92 -36.88 8.15
N PRO A 29 -13.09 -36.10 7.07
CA PRO A 29 -14.28 -36.14 6.22
C PRO A 29 -14.39 -37.48 5.49
N GLY A 30 -13.28 -38.22 5.49
CA GLY A 30 -13.24 -39.52 4.85
C GLY A 30 -13.45 -39.54 3.35
N GLN A 31 -12.99 -38.51 2.65
CA GLN A 31 -13.18 -38.50 1.20
C GLN A 31 -11.88 -38.27 0.44
N GLN A 32 -11.89 -38.65 -0.83
CA GLN A 32 -10.74 -38.48 -1.72
C GLN A 32 -11.12 -37.31 -2.62
N PHE A 33 -10.24 -36.32 -2.71
CA PHE A 33 -10.54 -35.18 -3.57
C PHE A 33 -9.53 -34.99 -4.69
N THR A 34 -9.79 -34.01 -5.54
CA THR A 34 -8.92 -33.67 -6.63
C THR A 34 -8.86 -32.16 -6.74
N TRP A 35 -7.78 -31.66 -7.33
CA TRP A 35 -7.61 -30.22 -7.51
C TRP A 35 -6.77 -29.98 -8.75
N GLU A 36 -7.20 -30.52 -9.88
CA GLU A 36 -6.47 -30.35 -11.13
C GLU A 36 -6.38 -28.88 -11.49
N ASN A 37 -7.50 -28.19 -11.36
CA ASN A 37 -7.57 -26.77 -11.69
C ASN A 37 -6.56 -25.95 -10.89
N SER A 38 -6.43 -26.25 -9.61
CA SER A 38 -5.48 -25.54 -8.75
C SER A 38 -4.03 -25.80 -9.20
N ASN A 39 -3.78 -26.99 -9.76
CA ASN A 39 -2.42 -27.34 -10.17
C ASN A 39 -2.08 -27.14 -11.64
N LEU A 40 -3.02 -26.58 -12.42
CA LEU A 40 -2.76 -26.31 -13.83
C LEU A 40 -1.61 -25.31 -13.83
N GLU A 41 -0.69 -25.47 -14.77
CA GLU A 41 0.45 -24.58 -14.91
C GLU A 41 0.01 -23.13 -14.98
N VAL A 42 -1.11 -22.90 -15.67
CA VAL A 42 -1.65 -21.56 -15.83
C VAL A 42 -2.18 -21.01 -14.50
N ASN A 43 -2.62 -21.90 -13.62
CA ASN A 43 -3.19 -21.48 -12.34
C ASN A 43 -2.28 -21.48 -11.11
N LYS A 44 -1.16 -22.19 -11.18
CA LYS A 44 -0.24 -22.23 -10.03
C LYS A 44 0.21 -20.85 -9.53
N PRO A 45 0.47 -19.88 -10.44
CA PRO A 45 0.89 -18.57 -9.94
C PRO A 45 -0.26 -17.85 -9.24
N LYS A 46 -1.46 -18.42 -9.34
CA LYS A 46 -2.65 -17.82 -8.74
C LYS A 46 -2.90 -18.33 -7.32
N ASN A 47 -2.04 -19.22 -6.84
CA ASN A 47 -2.15 -19.76 -5.49
C ASN A 47 -1.09 -19.12 -4.60
N ARG A 48 -1.50 -18.57 -3.46
CA ARG A 48 -0.57 -17.93 -2.53
C ARG A 48 0.40 -18.96 -1.94
N TYR A 49 -0.12 -20.16 -1.65
CA TYR A 49 0.70 -21.23 -1.10
C TYR A 49 0.45 -22.46 -1.95
N ALA A 50 1.54 -23.08 -2.43
CA ALA A 50 1.44 -24.26 -3.26
C ALA A 50 0.77 -25.43 -2.54
N ASN A 51 0.85 -25.44 -1.22
CA ASN A 51 0.24 -26.53 -0.44
C ASN A 51 -1.18 -26.21 0.03
N VAL A 52 -1.69 -25.05 -0.36
CA VAL A 52 -3.06 -24.65 -0.02
C VAL A 52 -3.82 -24.49 -1.33
N ILE A 53 -4.54 -25.53 -1.70
CA ILE A 53 -5.28 -25.51 -2.95
C ILE A 53 -6.80 -25.49 -2.71
N ALA A 54 -7.55 -25.54 -3.80
CA ALA A 54 -9.01 -25.55 -3.74
C ALA A 54 -9.53 -26.84 -4.36
N TYR A 55 -10.33 -27.60 -3.61
CA TYR A 55 -10.90 -28.85 -4.11
C TYR A 55 -11.80 -28.54 -5.29
N ASP A 56 -11.68 -29.33 -6.36
CA ASP A 56 -12.47 -29.13 -7.56
C ASP A 56 -13.97 -29.17 -7.34
N HIS A 57 -14.42 -30.09 -6.50
CA HIS A 57 -15.86 -30.25 -6.26
C HIS A 57 -16.56 -29.10 -5.52
N SER A 58 -15.81 -28.29 -4.78
CA SER A 58 -16.41 -27.19 -4.04
C SER A 58 -15.86 -25.82 -4.37
N ARG A 59 -14.95 -25.73 -5.35
CA ARG A 59 -14.36 -24.45 -5.70
C ARG A 59 -15.35 -23.46 -6.29
N VAL A 60 -15.06 -22.19 -6.07
CA VAL A 60 -15.89 -21.12 -6.59
C VAL A 60 -15.38 -20.89 -8.00
N ILE A 61 -16.23 -21.19 -8.98
CA ILE A 61 -15.83 -21.02 -10.36
C ILE A 61 -16.25 -19.66 -10.90
N LEU A 62 -15.31 -18.96 -11.51
CA LEU A 62 -15.57 -17.64 -12.12
C LEU A 62 -16.13 -17.93 -13.50
N THR A 63 -16.94 -17.03 -14.04
CA THR A 63 -17.41 -17.28 -15.40
C THR A 63 -16.16 -17.21 -16.27
N SER A 64 -16.15 -17.96 -17.37
CA SER A 64 -14.98 -17.97 -18.23
C SER A 64 -14.88 -16.74 -19.13
N ILE A 65 -13.64 -16.34 -19.39
CA ILE A 65 -13.34 -15.25 -20.29
C ILE A 65 -12.88 -15.99 -21.55
N ASP A 66 -13.83 -16.37 -22.39
CA ASP A 66 -13.57 -17.13 -23.63
C ASP A 66 -12.28 -16.77 -24.34
N GLY A 67 -11.50 -17.80 -24.67
CA GLY A 67 -10.24 -17.60 -25.35
C GLY A 67 -9.04 -17.41 -24.45
N VAL A 68 -9.30 -17.30 -23.14
CA VAL A 68 -8.25 -17.12 -22.14
C VAL A 68 -8.23 -18.30 -21.18
N PRO A 69 -7.23 -19.18 -21.31
CA PRO A 69 -7.10 -20.37 -20.46
C PRO A 69 -7.00 -20.06 -18.97
N GLY A 70 -7.59 -20.93 -18.16
CA GLY A 70 -7.58 -20.77 -16.71
C GLY A 70 -8.36 -19.59 -16.14
N SER A 71 -9.09 -18.86 -16.98
CA SER A 71 -9.83 -17.69 -16.53
C SER A 71 -10.98 -17.94 -15.55
N ASP A 72 -11.37 -19.20 -15.37
CA ASP A 72 -12.46 -19.52 -14.45
C ASP A 72 -11.96 -19.84 -13.04
N TYR A 73 -10.66 -19.70 -12.80
CA TYR A 73 -10.08 -20.08 -11.52
C TYR A 73 -9.66 -19.03 -10.49
N ILE A 74 -9.98 -19.35 -9.23
CA ILE A 74 -9.62 -18.55 -8.07
C ILE A 74 -9.45 -19.54 -6.92
N ASN A 75 -8.50 -19.27 -6.02
CA ASN A 75 -8.25 -20.15 -4.87
C ASN A 75 -9.29 -19.82 -3.80
N ALA A 76 -10.43 -20.49 -3.88
CA ALA A 76 -11.53 -20.25 -2.95
C ALA A 76 -12.48 -21.43 -3.04
N ASN A 77 -13.20 -21.70 -1.95
CA ASN A 77 -14.15 -22.81 -1.90
C ASN A 77 -15.41 -22.40 -1.13
N TYR A 78 -16.54 -22.97 -1.52
CA TYR A 78 -17.81 -22.69 -0.83
C TYR A 78 -17.77 -23.45 0.48
N ILE A 79 -18.31 -22.83 1.54
CA ILE A 79 -18.34 -23.50 2.84
C ILE A 79 -19.78 -23.51 3.35
N ASP A 80 -20.26 -24.70 3.73
CA ASP A 80 -21.62 -24.87 4.23
C ASP A 80 -21.88 -24.15 5.55
N GLY A 81 -23.09 -23.63 5.69
CA GLY A 81 -23.48 -22.92 6.90
C GLY A 81 -24.52 -23.73 7.65
N TYR A 82 -25.14 -23.14 8.67
CA TYR A 82 -26.15 -23.88 9.42
C TYR A 82 -27.39 -24.06 8.55
N ARG A 83 -27.72 -25.32 8.26
CA ARG A 83 -28.90 -25.64 7.45
C ARG A 83 -28.93 -25.07 6.03
N LYS A 84 -27.78 -24.74 5.48
CA LYS A 84 -27.73 -24.20 4.12
C LYS A 84 -26.36 -24.41 3.48
N GLN A 85 -26.35 -25.13 2.36
CA GLN A 85 -25.11 -25.41 1.65
C GLN A 85 -24.50 -24.17 1.02
N ASN A 86 -23.17 -24.13 0.99
CA ASN A 86 -22.43 -23.02 0.40
C ASN A 86 -22.86 -21.65 0.91
N ALA A 87 -23.00 -21.51 2.22
CA ALA A 87 -23.42 -20.26 2.83
C ALA A 87 -22.31 -19.22 2.87
N TYR A 88 -21.06 -19.68 2.80
CA TYR A 88 -19.92 -18.77 2.82
C TYR A 88 -18.96 -19.10 1.70
N ILE A 89 -17.89 -18.30 1.64
CA ILE A 89 -16.83 -18.49 0.68
C ILE A 89 -15.55 -18.25 1.48
N ALA A 90 -14.67 -19.25 1.49
CA ALA A 90 -13.39 -19.15 2.17
C ALA A 90 -12.35 -19.03 1.05
N THR A 91 -11.55 -17.98 1.11
CA THR A 91 -10.54 -17.75 0.09
C THR A 91 -9.24 -17.24 0.71
N GLN A 92 -8.17 -17.27 -0.08
CA GLN A 92 -6.83 -16.83 0.34
C GLN A 92 -6.75 -15.31 0.23
N GLY A 93 -5.74 -14.72 0.87
CA GLY A 93 -5.56 -13.29 0.77
C GLY A 93 -5.11 -13.05 -0.67
N PRO A 94 -5.86 -12.27 -1.47
CA PRO A 94 -5.47 -12.04 -2.86
C PRO A 94 -4.03 -11.58 -3.11
N LEU A 95 -3.50 -11.99 -4.26
CA LEU A 95 -2.15 -11.62 -4.67
C LEU A 95 -2.34 -10.52 -5.70
N PRO A 96 -1.29 -9.76 -5.99
CA PRO A 96 -1.40 -8.67 -6.96
C PRO A 96 -2.02 -9.08 -8.31
N GLU A 97 -1.75 -10.30 -8.74
CA GLU A 97 -2.27 -10.79 -10.02
C GLU A 97 -3.67 -11.39 -9.95
N THR A 98 -4.16 -11.64 -8.74
CA THR A 98 -5.50 -12.21 -8.61
C THR A 98 -6.52 -11.20 -8.07
N MET A 99 -6.09 -9.95 -7.91
CA MET A 99 -6.94 -8.87 -7.43
C MET A 99 -8.19 -8.67 -8.27
N GLY A 100 -8.02 -8.63 -9.60
CA GLY A 100 -9.16 -8.46 -10.48
C GLY A 100 -10.09 -9.66 -10.37
N ASP A 101 -9.51 -10.84 -10.22
CA ASP A 101 -10.28 -12.07 -10.10
C ASP A 101 -11.09 -12.09 -8.81
N PHE A 102 -10.49 -11.60 -7.72
CA PHE A 102 -11.13 -11.53 -6.41
C PHE A 102 -12.39 -10.64 -6.45
N TRP A 103 -12.24 -9.43 -6.97
CA TRP A 103 -13.37 -8.52 -7.07
C TRP A 103 -14.41 -9.06 -8.04
N ARG A 104 -13.96 -9.83 -9.03
CA ARG A 104 -14.88 -10.41 -10.00
C ARG A 104 -15.72 -11.53 -9.35
N MET A 105 -15.14 -12.19 -8.36
CA MET A 105 -15.86 -13.25 -7.65
C MET A 105 -16.91 -12.58 -6.77
N VAL A 106 -16.52 -11.44 -6.19
CA VAL A 106 -17.42 -10.69 -5.33
C VAL A 106 -18.63 -10.23 -6.12
N TRP A 107 -18.40 -9.73 -7.34
CA TRP A 107 -19.50 -9.26 -8.18
C TRP A 107 -20.40 -10.41 -8.63
N GLU A 108 -19.76 -11.46 -9.13
CA GLU A 108 -20.48 -12.63 -9.63
C GLU A 108 -21.28 -13.40 -8.58
N GLN A 109 -20.77 -13.49 -7.36
CA GLN A 109 -21.46 -14.22 -6.30
C GLN A 109 -22.46 -13.32 -5.57
N ARG A 110 -22.57 -12.07 -6.01
CA ARG A 110 -23.46 -11.08 -5.41
C ARG A 110 -23.12 -10.85 -3.93
N THR A 111 -21.83 -10.98 -3.62
CA THR A 111 -21.35 -10.77 -2.25
C THR A 111 -21.54 -9.29 -1.84
N ALA A 112 -22.01 -9.07 -0.61
CA ALA A 112 -22.22 -7.70 -0.11
C ALA A 112 -21.28 -7.40 1.06
N THR A 113 -20.61 -8.43 1.57
CA THR A 113 -19.71 -8.27 2.71
C THR A 113 -18.44 -9.09 2.56
N VAL A 114 -17.29 -8.44 2.79
CA VAL A 114 -16.02 -9.13 2.76
C VAL A 114 -15.51 -9.07 4.19
N VAL A 115 -15.04 -10.21 4.70
CA VAL A 115 -14.51 -10.28 6.06
C VAL A 115 -13.03 -10.64 5.97
N MET A 116 -12.19 -9.71 6.43
CA MET A 116 -10.73 -9.87 6.41
C MET A 116 -10.25 -10.22 7.83
N MET A 117 -9.75 -11.44 8.00
CA MET A 117 -9.29 -11.89 9.30
C MET A 117 -7.78 -11.74 9.53
N THR A 118 -7.18 -10.72 8.95
CA THR A 118 -5.74 -10.52 9.12
C THR A 118 -5.34 -9.07 8.90
N ARG A 119 -4.14 -8.75 9.36
CA ARG A 119 -3.58 -7.44 9.16
C ARG A 119 -2.79 -7.63 7.84
N LEU A 120 -2.53 -6.57 7.11
CA LEU A 120 -1.79 -6.73 5.87
C LEU A 120 -0.39 -7.28 6.15
N GLU A 121 0.24 -6.76 7.21
CA GLU A 121 1.57 -7.20 7.60
C GLU A 121 1.59 -7.64 9.06
N GLU A 122 2.11 -8.84 9.31
CA GLU A 122 2.21 -9.39 10.67
C GLU A 122 3.57 -10.01 10.89
N LYS A 123 4.32 -9.48 11.85
CA LYS A 123 5.65 -9.98 12.16
C LYS A 123 6.62 -9.65 11.03
N SER A 124 6.35 -8.53 10.34
CA SER A 124 7.18 -8.07 9.23
C SER A 124 7.05 -8.96 8.00
N ARG A 125 6.07 -9.87 8.03
CA ARG A 125 5.83 -10.77 6.90
C ARG A 125 4.54 -10.38 6.18
N VAL A 126 4.49 -10.61 4.86
CA VAL A 126 3.31 -10.29 4.07
C VAL A 126 2.29 -11.41 4.19
N LYS A 127 1.10 -11.08 4.68
CA LYS A 127 0.03 -12.08 4.85
C LYS A 127 -1.01 -11.95 3.74
N CYS A 128 -1.19 -10.73 3.26
CA CYS A 128 -2.14 -10.45 2.20
C CYS A 128 -1.71 -9.14 1.54
N ASP A 129 -2.08 -8.94 0.29
CA ASP A 129 -1.72 -7.72 -0.41
C ASP A 129 -2.94 -6.82 -0.36
N GLN A 130 -2.74 -5.50 -0.28
CA GLN A 130 -3.87 -4.61 -0.24
C GLN A 130 -4.53 -4.64 -1.59
N TYR A 131 -5.79 -5.07 -1.61
CA TYR A 131 -6.53 -5.20 -2.85
C TYR A 131 -7.64 -4.16 -3.02
N TRP A 132 -7.60 -3.11 -2.20
CA TRP A 132 -8.60 -2.04 -2.28
C TRP A 132 -7.90 -0.70 -2.37
N PRO A 133 -8.55 0.31 -2.95
CA PRO A 133 -7.90 1.62 -3.06
C PRO A 133 -7.84 2.38 -1.73
N ALA A 134 -6.67 2.91 -1.39
CA ALA A 134 -6.51 3.65 -0.15
C ALA A 134 -7.30 4.96 -0.23
N ARG A 135 -7.63 5.36 -1.46
CA ARG A 135 -8.39 6.57 -1.74
C ARG A 135 -9.08 6.43 -3.09
N GLY A 136 -10.10 7.24 -3.32
CA GLY A 136 -10.83 7.22 -4.59
C GLY A 136 -11.32 5.89 -5.13
N THR A 137 -11.17 5.72 -6.43
CA THR A 137 -11.59 4.49 -7.09
C THR A 137 -10.51 3.96 -8.02
N GLU A 138 -10.46 2.64 -8.15
CA GLU A 138 -9.49 1.96 -8.99
C GLU A 138 -10.22 0.88 -9.78
N THR A 139 -9.60 0.41 -10.86
CA THR A 139 -10.19 -0.65 -11.64
C THR A 139 -9.34 -1.90 -11.48
N CYS A 140 -9.98 -2.97 -11.06
CA CYS A 140 -9.28 -4.24 -10.88
C CYS A 140 -9.93 -5.19 -11.86
N GLY A 141 -9.26 -5.41 -12.99
CA GLY A 141 -9.81 -6.28 -14.00
C GLY A 141 -11.04 -5.61 -14.59
N LEU A 142 -12.19 -6.26 -14.49
CA LEU A 142 -13.43 -5.72 -15.03
C LEU A 142 -14.28 -5.02 -13.99
N ILE A 143 -13.72 -4.80 -12.81
CA ILE A 143 -14.48 -4.14 -11.74
C ILE A 143 -13.90 -2.83 -11.27
N GLN A 144 -14.76 -1.81 -11.21
CA GLN A 144 -14.36 -0.50 -10.74
C GLN A 144 -14.63 -0.47 -9.25
N VAL A 145 -13.60 -0.20 -8.45
CA VAL A 145 -13.77 -0.17 -7.00
C VAL A 145 -13.57 1.23 -6.44
N THR A 146 -14.61 1.76 -5.83
CA THR A 146 -14.55 3.10 -5.26
C THR A 146 -14.69 3.09 -3.74
N LEU A 147 -13.65 3.53 -3.03
CA LEU A 147 -13.71 3.57 -1.56
C LEU A 147 -14.56 4.77 -1.16
N LEU A 148 -15.62 4.52 -0.41
CA LEU A 148 -16.52 5.60 0.01
C LEU A 148 -16.29 6.12 1.42
N ASP A 149 -16.00 5.20 2.34
CA ASP A 149 -15.82 5.59 3.72
C ASP A 149 -15.07 4.55 4.55
N THR A 150 -14.33 5.03 5.54
CA THR A 150 -13.56 4.15 6.43
C THR A 150 -13.82 4.53 7.88
N VAL A 151 -14.09 3.54 8.72
CA VAL A 151 -14.32 3.82 10.13
C VAL A 151 -13.44 2.88 10.93
N GLU A 152 -12.45 3.45 11.61
CA GLU A 152 -11.52 2.67 12.42
C GLU A 152 -11.96 2.64 13.88
N LEU A 153 -12.19 1.44 14.39
CA LEU A 153 -12.57 1.27 15.79
C LEU A 153 -11.46 0.51 16.52
N ALA A 154 -11.61 0.36 17.82
CA ALA A 154 -10.62 -0.31 18.64
C ALA A 154 -10.18 -1.69 18.17
N THR A 155 -11.13 -2.54 17.78
CA THR A 155 -10.78 -3.89 17.40
C THR A 155 -11.00 -4.28 15.93
N TYR A 156 -11.51 -3.34 15.14
CA TYR A 156 -11.71 -3.64 13.73
C TYR A 156 -11.97 -2.37 12.92
N THR A 157 -11.92 -2.51 11.60
CA THR A 157 -12.14 -1.38 10.70
C THR A 157 -13.20 -1.75 9.67
N VAL A 158 -14.04 -0.79 9.33
CA VAL A 158 -15.09 -0.99 8.34
C VAL A 158 -14.90 -0.04 7.16
N ARG A 159 -14.73 -0.62 5.97
CA ARG A 159 -14.57 0.18 4.75
C ARG A 159 -15.78 -0.06 3.85
N THR A 160 -16.39 1.03 3.39
CA THR A 160 -17.56 0.91 2.52
C THR A 160 -17.18 1.31 1.10
N PHE A 161 -17.44 0.40 0.16
CA PHE A 161 -17.12 0.60 -1.25
C PHE A 161 -18.35 0.63 -2.15
N ALA A 162 -18.14 1.15 -3.36
CA ALA A 162 -19.16 1.19 -4.39
C ALA A 162 -18.51 0.38 -5.52
N LEU A 163 -19.28 -0.50 -6.14
CA LEU A 163 -18.77 -1.34 -7.21
C LEU A 163 -19.51 -1.11 -8.52
N HIS A 164 -18.76 -1.19 -9.61
CA HIS A 164 -19.29 -1.03 -10.95
C HIS A 164 -18.50 -2.02 -11.80
N LYS A 165 -19.18 -2.75 -12.67
CA LYS A 165 -18.51 -3.69 -13.56
C LYS A 165 -18.55 -3.00 -14.92
N SER A 166 -17.40 -2.58 -15.43
CA SER A 166 -17.38 -1.88 -16.71
C SER A 166 -18.18 -2.65 -17.76
N GLY A 167 -19.03 -1.93 -18.49
CA GLY A 167 -19.85 -2.57 -19.50
C GLY A 167 -21.30 -2.70 -19.05
N SER A 168 -21.55 -2.26 -17.82
CA SER A 168 -22.90 -2.30 -17.25
C SER A 168 -23.16 -1.04 -16.45
N SER A 169 -24.43 -0.74 -16.23
CA SER A 169 -24.84 0.45 -15.48
C SER A 169 -24.94 0.22 -13.99
N GLU A 170 -25.23 -1.02 -13.59
CA GLU A 170 -25.38 -1.39 -12.18
C GLU A 170 -24.28 -0.94 -11.21
N LYS A 171 -24.70 -0.42 -10.05
CA LYS A 171 -23.80 0.04 -9.01
C LYS A 171 -24.13 -0.76 -7.75
N ARG A 172 -23.12 -1.38 -7.14
CA ARG A 172 -23.36 -2.16 -5.93
C ARG A 172 -22.52 -1.65 -4.78
N GLU A 173 -23.01 -1.92 -3.57
CA GLU A 173 -22.32 -1.53 -2.35
C GLU A 173 -21.63 -2.77 -1.77
N LEU A 174 -20.39 -2.59 -1.30
CA LEU A 174 -19.63 -3.68 -0.71
C LEU A 174 -19.01 -3.16 0.58
N ARG A 175 -19.17 -3.92 1.67
CA ARG A 175 -18.60 -3.52 2.94
C ARG A 175 -17.55 -4.51 3.38
N GLN A 176 -16.37 -3.99 3.70
CA GLN A 176 -15.29 -4.82 4.16
C GLN A 176 -15.10 -4.58 5.65
N PHE A 177 -15.08 -5.67 6.41
CA PHE A 177 -14.85 -5.59 7.85
C PHE A 177 -13.51 -6.26 8.11
N GLN A 178 -12.53 -5.49 8.59
CA GLN A 178 -11.21 -6.05 8.88
C GLN A 178 -10.98 -6.16 10.39
N PHE A 179 -10.80 -7.39 10.87
CA PHE A 179 -10.56 -7.62 12.29
C PHE A 179 -9.11 -7.30 12.55
N MET A 180 -8.86 -6.41 13.50
CA MET A 180 -7.50 -6.00 13.82
C MET A 180 -6.99 -6.53 15.16
N ALA A 181 -7.84 -7.21 15.92
CA ALA A 181 -7.45 -7.70 17.24
C ALA A 181 -7.06 -9.16 17.40
N TRP A 182 -6.45 -9.77 16.37
CA TRP A 182 -6.02 -11.15 16.49
C TRP A 182 -4.51 -11.05 16.77
N PRO A 183 -4.00 -11.79 17.77
CA PRO A 183 -2.56 -11.72 18.06
C PRO A 183 -1.62 -12.28 16.99
N ASP A 184 -0.41 -11.72 16.95
CA ASP A 184 0.62 -12.15 15.99
C ASP A 184 0.84 -13.65 16.17
N HIS A 185 0.98 -14.06 17.43
CA HIS A 185 1.19 -15.47 17.77
C HIS A 185 0.00 -16.00 18.56
N GLY A 186 -0.42 -17.21 18.23
CA GLY A 186 -1.53 -17.81 18.94
C GLY A 186 -2.89 -17.22 18.64
N VAL A 187 -3.87 -17.57 19.47
CA VAL A 187 -5.23 -17.08 19.32
C VAL A 187 -5.52 -15.99 20.34
N PRO A 188 -6.63 -15.26 20.19
CA PRO A 188 -6.97 -14.20 21.14
C PRO A 188 -7.22 -14.69 22.58
N GLU A 189 -6.84 -13.85 23.54
CA GLU A 189 -7.03 -14.14 24.97
C GLU A 189 -8.49 -14.53 25.26
N TYR A 190 -9.40 -13.58 25.08
CA TYR A 190 -10.83 -13.79 25.31
C TYR A 190 -11.60 -13.74 23.99
N PRO A 191 -12.78 -14.39 23.93
CA PRO A 191 -13.60 -14.40 22.71
C PRO A 191 -14.57 -13.22 22.56
N THR A 192 -14.70 -12.41 23.60
CA THR A 192 -15.61 -11.26 23.59
C THR A 192 -15.45 -10.35 22.36
N PRO A 193 -14.21 -9.91 22.07
CA PRO A 193 -13.93 -9.03 20.91
C PRO A 193 -14.34 -9.62 19.55
N ILE A 194 -13.96 -10.88 19.29
CA ILE A 194 -14.31 -11.52 18.02
C ILE A 194 -15.81 -11.77 17.99
N LEU A 195 -16.40 -12.06 19.15
CA LEU A 195 -17.83 -12.30 19.23
C LEU A 195 -18.57 -11.01 18.84
N ALA A 196 -18.09 -9.87 19.32
CA ALA A 196 -18.71 -8.60 19.00
C ALA A 196 -18.59 -8.34 17.49
N PHE A 197 -17.39 -8.58 16.95
CA PHE A 197 -17.11 -8.40 15.52
C PHE A 197 -18.10 -9.25 14.71
N LEU A 198 -18.27 -10.51 15.09
CA LEU A 198 -19.19 -11.42 14.42
C LEU A 198 -20.60 -10.81 14.39
N ARG A 199 -20.99 -10.22 15.51
CA ARG A 199 -22.28 -9.59 15.68
C ARG A 199 -22.52 -8.43 14.71
N ARG A 200 -21.52 -7.56 14.56
CA ARG A 200 -21.62 -6.40 13.68
C ARG A 200 -21.68 -6.81 12.22
N VAL A 201 -20.87 -7.78 11.84
CA VAL A 201 -20.85 -8.26 10.47
C VAL A 201 -22.25 -8.72 10.09
N LYS A 202 -22.87 -9.47 10.98
CA LYS A 202 -24.21 -10.00 10.77
C LYS A 202 -25.27 -8.91 10.67
N ALA A 203 -25.14 -7.88 11.50
CA ALA A 203 -26.08 -6.77 11.47
C ALA A 203 -26.01 -5.98 10.17
N CYS A 204 -24.82 -5.91 9.60
CA CYS A 204 -24.61 -5.16 8.36
C CYS A 204 -24.68 -5.95 7.04
N ASN A 205 -24.75 -7.28 7.11
CA ASN A 205 -24.85 -8.09 5.89
C ASN A 205 -26.33 -8.11 5.49
N PRO A 206 -26.70 -7.43 4.39
CA PRO A 206 -28.10 -7.40 3.95
C PRO A 206 -28.77 -8.76 3.83
N LEU A 207 -30.09 -8.76 3.86
CA LEU A 207 -30.89 -9.99 3.77
C LEU A 207 -30.82 -10.70 2.41
N ASP A 208 -30.53 -9.95 1.36
CA ASP A 208 -30.47 -10.53 0.02
C ASP A 208 -29.05 -10.66 -0.55
N ALA A 209 -28.06 -10.62 0.33
CA ALA A 209 -26.67 -10.72 -0.07
C ALA A 209 -26.27 -12.13 -0.48
N GLY A 210 -25.32 -12.22 -1.41
CA GLY A 210 -24.83 -13.54 -1.80
C GLY A 210 -23.92 -13.95 -0.66
N PRO A 211 -23.17 -15.06 -0.79
CA PRO A 211 -22.28 -15.51 0.29
C PRO A 211 -21.17 -14.50 0.63
N MET A 212 -20.92 -14.31 1.92
CA MET A 212 -19.86 -13.42 2.36
C MET A 212 -18.57 -14.11 1.95
N VAL A 213 -17.55 -13.34 1.57
CA VAL A 213 -16.27 -13.99 1.27
C VAL A 213 -15.38 -13.67 2.47
N VAL A 214 -14.85 -14.72 3.09
CA VAL A 214 -14.00 -14.58 4.26
C VAL A 214 -12.59 -14.99 3.87
N HIS A 215 -11.60 -14.28 4.40
CA HIS A 215 -10.21 -14.60 4.09
C HIS A 215 -9.23 -14.08 5.14
N CYS A 216 -8.07 -14.72 5.20
CA CYS A 216 -7.00 -14.32 6.09
C CYS A 216 -5.76 -14.37 5.19
N SER A 217 -4.83 -15.30 5.45
CA SER A 217 -3.65 -15.43 4.59
C SER A 217 -3.83 -16.62 3.65
N ALA A 218 -3.92 -17.82 4.21
CA ALA A 218 -4.12 -19.02 3.40
C ALA A 218 -5.63 -19.27 3.23
N GLY A 219 -6.43 -18.55 4.01
CA GLY A 219 -7.87 -18.70 3.95
C GLY A 219 -8.34 -20.00 4.58
N VAL A 220 -7.60 -20.48 5.57
CA VAL A 220 -7.95 -21.73 6.24
C VAL A 220 -8.02 -21.64 7.77
N GLY A 221 -7.12 -20.87 8.38
CA GLY A 221 -7.09 -20.75 9.83
C GLY A 221 -8.13 -19.83 10.44
N ARG A 222 -7.77 -18.56 10.60
CA ARG A 222 -8.69 -17.59 11.17
C ARG A 222 -10.01 -17.58 10.39
N THR A 223 -9.94 -17.81 9.09
CA THR A 223 -11.14 -17.83 8.26
C THR A 223 -12.04 -18.96 8.74
N GLY A 224 -11.44 -20.13 8.96
CA GLY A 224 -12.19 -21.29 9.41
C GLY A 224 -12.87 -21.02 10.75
N CYS A 225 -12.18 -20.30 11.64
CA CYS A 225 -12.72 -19.98 12.96
C CYS A 225 -13.93 -19.05 12.86
N PHE A 226 -13.77 -17.95 12.13
CA PHE A 226 -14.87 -17.02 11.99
C PHE A 226 -16.10 -17.71 11.40
N ILE A 227 -15.89 -18.52 10.36
CA ILE A 227 -17.01 -19.20 9.72
C ILE A 227 -17.69 -20.27 10.60
N VAL A 228 -16.90 -21.11 11.27
CA VAL A 228 -17.52 -22.13 12.10
C VAL A 228 -18.26 -21.50 13.27
N ILE A 229 -17.69 -20.43 13.82
CA ILE A 229 -18.34 -19.75 14.95
C ILE A 229 -19.64 -19.09 14.47
N ASP A 230 -19.60 -18.43 13.31
CA ASP A 230 -20.80 -17.79 12.80
C ASP A 230 -21.94 -18.77 12.52
N ALA A 231 -21.59 -19.94 12.00
CA ALA A 231 -22.58 -20.96 11.69
C ALA A 231 -23.20 -21.56 12.95
N MET A 232 -22.36 -21.79 13.96
CA MET A 232 -22.82 -22.38 15.21
C MET A 232 -23.68 -21.40 16.01
N LEU A 233 -23.41 -20.11 15.83
CA LEU A 233 -24.17 -19.07 16.50
C LEU A 233 -25.60 -19.09 15.94
N GLU A 234 -25.68 -19.22 14.62
CA GLU A 234 -26.96 -19.28 13.91
C GLU A 234 -27.72 -20.54 14.32
N ARG A 235 -27.00 -21.59 14.67
CA ARG A 235 -27.62 -22.85 15.06
C ARG A 235 -28.17 -22.86 16.48
N MET A 236 -27.35 -22.49 17.46
CA MET A 236 -27.82 -22.49 18.85
C MET A 236 -28.96 -21.51 19.02
N LYS A 237 -29.16 -20.68 18.02
CA LYS A 237 -30.23 -19.69 18.05
C LYS A 237 -31.52 -20.35 17.60
N HIS A 238 -31.42 -21.24 16.62
CA HIS A 238 -32.59 -21.93 16.09
C HIS A 238 -32.80 -23.32 16.67
N GLU A 239 -31.77 -23.90 17.28
CA GLU A 239 -31.88 -25.24 17.84
C GLU A 239 -31.33 -25.43 19.25
N LYS A 240 -30.85 -24.35 19.85
CA LYS A 240 -30.30 -24.41 21.20
C LYS A 240 -29.25 -25.50 21.37
N THR A 241 -28.66 -25.93 20.25
CA THR A 241 -27.62 -26.96 20.29
C THR A 241 -26.34 -26.45 19.63
N VAL A 242 -25.40 -27.34 19.39
CA VAL A 242 -24.13 -26.98 18.77
C VAL A 242 -23.32 -28.24 18.52
N ASP A 243 -22.79 -28.36 17.31
CA ASP A 243 -22.00 -29.52 16.88
C ASP A 243 -20.69 -29.09 16.20
N ILE A 244 -19.74 -28.60 16.99
CA ILE A 244 -18.47 -28.12 16.46
C ILE A 244 -17.66 -29.17 15.68
N TYR A 245 -17.55 -30.38 16.22
CA TYR A 245 -16.79 -31.44 15.56
C TYR A 245 -17.35 -31.76 14.18
N GLY A 246 -18.67 -31.93 14.12
CA GLY A 246 -19.30 -32.25 12.85
C GLY A 246 -19.15 -31.17 11.80
N HIS A 247 -19.21 -29.90 12.21
CA HIS A 247 -19.12 -28.83 11.22
C HIS A 247 -17.73 -28.64 10.68
N VAL A 248 -16.74 -28.76 11.54
CA VAL A 248 -15.36 -28.62 11.09
C VAL A 248 -15.09 -29.77 10.13
N THR A 249 -15.64 -30.93 10.42
CA THR A 249 -15.43 -32.10 9.57
C THR A 249 -16.06 -31.86 8.20
N CYS A 250 -17.18 -31.16 8.18
CA CYS A 250 -17.87 -30.85 6.93
C CYS A 250 -17.09 -29.76 6.19
N MET A 251 -16.52 -28.82 6.94
CA MET A 251 -15.75 -27.75 6.33
C MET A 251 -14.52 -28.33 5.63
N ARG A 252 -13.81 -29.23 6.32
CA ARG A 252 -12.61 -29.85 5.76
C ARG A 252 -12.91 -30.63 4.49
N SER A 253 -14.17 -31.08 4.37
CA SER A 253 -14.58 -31.83 3.19
C SER A 253 -14.79 -30.88 2.01
N GLN A 254 -14.79 -29.59 2.29
CA GLN A 254 -15.00 -28.59 1.25
C GLN A 254 -13.73 -27.79 1.00
N ARG A 255 -12.83 -27.74 1.98
CA ARG A 255 -11.60 -27.01 1.79
C ARG A 255 -10.44 -27.36 2.71
N ASN A 256 -9.26 -27.16 2.13
CA ASN A 256 -7.95 -27.38 2.73
C ASN A 256 -7.81 -26.94 4.17
N TYR A 257 -7.66 -27.88 5.09
CA TYR A 257 -7.39 -27.56 6.50
C TYR A 257 -8.19 -26.50 7.25
N MET A 258 -9.49 -26.38 7.04
CA MET A 258 -10.28 -25.38 7.78
C MET A 258 -10.04 -25.61 9.29
N VAL A 259 -9.71 -24.54 10.02
CA VAL A 259 -9.35 -24.58 11.44
C VAL A 259 -8.06 -25.40 11.42
N GLN A 260 -6.94 -24.71 11.16
CA GLN A 260 -5.65 -25.39 11.01
C GLN A 260 -4.77 -25.67 12.21
N THR A 261 -5.19 -25.25 13.39
CA THR A 261 -4.41 -25.53 14.60
C THR A 261 -5.33 -26.00 15.71
N GLU A 262 -4.80 -26.83 16.61
CA GLU A 262 -5.57 -27.34 17.74
C GLU A 262 -6.05 -26.19 18.62
N ASP A 263 -5.19 -25.18 18.80
CA ASP A 263 -5.54 -24.03 19.63
C ASP A 263 -6.74 -23.27 19.05
N GLN A 264 -6.87 -23.28 17.73
CA GLN A 264 -8.00 -22.61 17.06
C GLN A 264 -9.27 -23.41 17.33
N TYR A 265 -9.11 -24.72 17.44
CA TYR A 265 -10.23 -25.62 17.69
C TYR A 265 -10.73 -25.39 19.11
N VAL A 266 -9.81 -25.07 20.01
CA VAL A 266 -10.19 -24.81 21.40
C VAL A 266 -10.84 -23.43 21.53
N PHE A 267 -10.24 -22.43 20.89
CA PHE A 267 -10.76 -21.07 20.90
C PHE A 267 -12.22 -21.08 20.46
N ILE A 268 -12.52 -21.90 19.45
CA ILE A 268 -13.87 -22.02 18.92
C ILE A 268 -14.82 -22.56 19.99
N HIS A 269 -14.30 -23.42 20.86
CA HIS A 269 -15.12 -24.01 21.91
C HIS A 269 -15.38 -22.96 22.99
N GLU A 270 -14.34 -22.21 23.32
CA GLU A 270 -14.41 -21.15 24.31
C GLU A 270 -15.35 -20.03 23.89
N ALA A 271 -15.22 -19.60 22.63
CA ALA A 271 -16.03 -18.50 22.12
C ALA A 271 -17.51 -18.82 22.12
N LEU A 272 -17.88 -20.04 21.75
CA LEU A 272 -19.29 -20.40 21.72
C LEU A 272 -19.84 -20.67 23.13
N LEU A 273 -18.96 -21.03 24.06
CA LEU A 273 -19.38 -21.27 25.44
C LEU A 273 -19.74 -19.92 26.09
N GLU A 274 -18.96 -18.89 25.81
CA GLU A 274 -19.22 -17.56 26.35
C GLU A 274 -20.49 -16.99 25.71
N ALA A 275 -20.67 -17.21 24.42
CA ALA A 275 -21.85 -16.72 23.73
C ALA A 275 -23.12 -17.36 24.31
N ALA A 276 -23.04 -18.66 24.60
CA ALA A 276 -24.18 -19.38 25.16
C ALA A 276 -24.43 -18.95 26.60
N THR A 277 -23.36 -18.60 27.30
CA THR A 277 -23.45 -18.19 28.69
C THR A 277 -23.97 -16.76 28.89
N CYS A 278 -23.49 -15.84 28.06
CA CYS A 278 -23.89 -14.45 28.17
C CYS A 278 -25.11 -14.08 27.35
N GLY A 279 -25.37 -14.84 26.29
CA GLY A 279 -26.50 -14.51 25.43
C GLY A 279 -26.17 -13.21 24.72
N HIS A 280 -27.16 -12.58 24.11
CA HIS A 280 -26.93 -11.30 23.44
C HIS A 280 -27.57 -10.21 24.28
N THR A 281 -26.73 -9.48 25.00
CA THR A 281 -27.18 -8.44 25.91
C THR A 281 -27.32 -7.04 25.31
N GLU A 282 -27.26 -6.95 23.99
CA GLU A 282 -27.37 -5.66 23.32
C GLU A 282 -28.81 -5.29 22.99
N VAL A 283 -29.16 -4.03 23.18
CA VAL A 283 -30.52 -3.53 22.92
C VAL A 283 -30.50 -2.28 22.04
N PRO A 284 -31.43 -2.18 21.09
CA PRO A 284 -31.40 -0.95 20.28
C PRO A 284 -31.75 0.24 21.17
N ALA A 285 -31.14 1.39 20.90
CA ALA A 285 -31.38 2.58 21.69
C ALA A 285 -32.86 2.90 21.88
N ARG A 286 -33.63 2.83 20.80
CA ARG A 286 -35.05 3.14 20.86
C ARG A 286 -35.82 2.23 21.80
N ASN A 287 -35.18 1.19 22.30
CA ASN A 287 -35.82 0.26 23.22
C ASN A 287 -35.23 0.37 24.62
N LEU A 288 -34.34 1.34 24.80
CA LEU A 288 -33.68 1.55 26.08
C LEU A 288 -34.65 1.73 27.25
N TYR A 289 -35.62 2.64 27.12
CA TYR A 289 -36.57 2.86 28.20
C TYR A 289 -37.23 1.55 28.61
N ALA A 290 -37.82 0.86 27.65
CA ALA A 290 -38.49 -0.41 27.90
C ALA A 290 -37.58 -1.40 28.59
N HIS A 291 -36.38 -1.55 28.05
CA HIS A 291 -35.40 -2.46 28.60
C HIS A 291 -35.11 -2.18 30.07
N ILE A 292 -34.85 -0.92 30.41
CA ILE A 292 -34.56 -0.54 31.79
C ILE A 292 -35.76 -0.88 32.68
N GLN A 293 -36.97 -0.75 32.13
CA GLN A 293 -38.19 -1.06 32.88
C GLN A 293 -38.17 -2.52 33.32
N LYS A 294 -37.89 -3.42 32.38
CA LYS A 294 -37.84 -4.85 32.65
C LYS A 294 -36.72 -5.20 33.63
N LEU A 295 -35.58 -4.53 33.50
CA LEU A 295 -34.45 -4.78 34.39
C LEU A 295 -34.82 -4.44 35.83
N GLY A 296 -35.87 -3.64 36.02
CA GLY A 296 -36.29 -3.29 37.35
C GLY A 296 -37.26 -4.29 37.98
N GLN A 297 -37.63 -5.32 37.23
CA GLN A 297 -38.56 -6.34 37.71
C GLN A 297 -37.86 -7.67 38.02
N VAL A 298 -38.56 -8.55 38.74
CA VAL A 298 -38.02 -9.87 39.10
C VAL A 298 -38.45 -10.92 38.06
N PRO A 299 -37.48 -11.54 37.37
CA PRO A 299 -37.80 -12.57 36.37
C PRO A 299 -38.56 -13.77 36.98
N PRO A 300 -39.22 -14.58 36.13
CA PRO A 300 -39.97 -15.77 36.55
C PRO A 300 -39.42 -16.58 37.73
N GLY A 301 -38.40 -17.40 37.48
CA GLY A 301 -37.87 -18.21 38.56
C GLY A 301 -36.85 -17.52 39.44
N GLU A 302 -36.94 -16.19 39.56
CA GLU A 302 -35.99 -15.44 40.36
C GLU A 302 -36.52 -14.77 41.63
N SER A 303 -35.59 -14.31 42.45
CA SER A 303 -35.89 -13.66 43.73
C SER A 303 -35.63 -12.16 43.72
N VAL A 304 -34.64 -11.74 42.95
CA VAL A 304 -34.29 -10.32 42.85
C VAL A 304 -34.52 -9.82 41.42
N THR A 305 -34.25 -8.54 41.19
CA THR A 305 -34.45 -7.94 39.87
C THR A 305 -33.51 -8.44 38.77
N ALA A 306 -33.93 -8.23 37.53
CA ALA A 306 -33.12 -8.62 36.40
C ALA A 306 -31.85 -7.75 36.40
N MET A 307 -31.95 -6.51 36.87
CA MET A 307 -30.81 -5.61 36.92
C MET A 307 -29.72 -6.13 37.86
N GLU A 308 -30.13 -6.55 39.06
CA GLU A 308 -29.18 -7.07 40.03
C GLU A 308 -28.48 -8.34 39.54
N LEU A 309 -29.22 -9.20 38.85
CA LEU A 309 -28.66 -10.44 38.34
C LEU A 309 -27.68 -10.20 37.21
N GLU A 310 -27.95 -9.17 36.42
CA GLU A 310 -27.09 -8.81 35.29
C GLU A 310 -25.73 -8.36 35.82
N PHE A 311 -25.78 -7.48 36.79
CA PHE A 311 -24.57 -6.97 37.41
C PHE A 311 -23.84 -8.11 38.09
N LYS A 312 -24.59 -8.91 38.84
CA LYS A 312 -23.99 -10.03 39.56
C LYS A 312 -23.30 -11.00 38.61
N LEU A 313 -23.84 -11.12 37.41
CA LEU A 313 -23.27 -12.01 36.41
C LEU A 313 -21.98 -11.43 35.82
N LEU A 314 -21.66 -10.19 36.18
CA LEU A 314 -20.45 -9.55 35.68
C LEU A 314 -19.25 -10.09 36.44
N ALA A 315 -19.50 -10.56 37.66
CA ALA A 315 -18.44 -11.17 38.45
C ALA A 315 -18.35 -12.61 37.95
N SER A 316 -19.49 -13.28 37.96
CA SER A 316 -19.58 -14.66 37.50
C SER A 316 -19.45 -14.74 35.98
N SER A 317 -18.21 -14.81 35.49
CA SER A 317 -17.95 -14.89 34.05
C SER A 317 -16.44 -15.02 33.82
N SER A 322 -3.42 -14.98 39.40
CA SER A 322 -2.47 -13.98 39.93
C SER A 322 -1.66 -13.26 38.86
N ARG A 323 -2.25 -12.20 38.32
CA ARG A 323 -1.59 -11.36 37.33
C ARG A 323 -1.40 -10.09 38.16
N PHE A 324 -1.01 -10.27 39.42
CA PHE A 324 -0.81 -9.16 40.36
C PHE A 324 0.56 -9.20 41.02
N ILE A 325 1.53 -9.86 40.40
CA ILE A 325 2.87 -9.97 40.97
C ILE A 325 3.56 -8.64 41.31
N SER A 326 3.55 -7.71 40.37
CA SER A 326 4.19 -6.42 40.59
C SER A 326 3.56 -5.63 41.72
N ALA A 327 2.24 -5.52 41.69
CA ALA A 327 1.49 -4.79 42.70
C ALA A 327 1.68 -5.35 44.11
N ASN A 328 1.93 -6.66 44.18
CA ASN A 328 2.11 -7.35 45.45
C ASN A 328 3.55 -7.37 45.97
N LEU A 329 4.48 -6.78 45.23
CA LEU A 329 5.88 -6.72 45.68
C LEU A 329 6.01 -5.87 46.95
N PRO A 330 6.76 -6.36 47.95
CA PRO A 330 6.99 -5.67 49.22
C PRO A 330 7.40 -4.20 49.08
N CYS A 331 8.18 -3.89 48.04
CA CYS A 331 8.62 -2.50 47.84
C CYS A 331 7.49 -1.60 47.33
N ASN A 332 6.40 -2.20 46.87
CA ASN A 332 5.26 -1.45 46.35
C ASN A 332 4.05 -1.43 47.29
N LYS A 333 4.21 -2.00 48.48
CA LYS A 333 3.13 -2.07 49.46
C LYS A 333 2.42 -0.73 49.71
N PHE A 334 3.19 0.34 49.87
CA PHE A 334 2.58 1.62 50.15
C PHE A 334 2.34 2.51 48.94
N LYS A 335 2.35 1.89 47.76
CA LYS A 335 2.10 2.61 46.53
C LYS A 335 0.67 2.31 46.08
N ASN A 336 -0.02 1.49 46.88
CA ASN A 336 -1.41 1.12 46.62
C ASN A 336 -2.29 1.81 47.67
N ARG A 337 -3.32 2.53 47.22
CA ARG A 337 -4.22 3.25 48.15
C ARG A 337 -5.17 2.25 48.81
N LEU A 338 -5.94 1.53 47.97
CA LEU A 338 -6.88 0.51 48.43
C LEU A 338 -6.34 -0.79 47.85
N VAL A 339 -5.80 -1.61 48.74
CA VAL A 339 -5.14 -2.86 48.36
C VAL A 339 -5.98 -3.95 47.70
N ASN A 340 -7.31 -3.85 47.76
CA ASN A 340 -8.11 -4.88 47.10
C ASN A 340 -8.14 -4.66 45.58
N ILE A 341 -7.64 -3.51 45.13
CA ILE A 341 -7.58 -3.18 43.72
C ILE A 341 -6.13 -3.02 43.22
N MET A 342 -5.68 -3.95 42.38
CA MET A 342 -4.33 -3.91 41.83
C MET A 342 -4.40 -4.18 40.33
N PRO A 343 -3.49 -3.58 39.54
CA PRO A 343 -3.50 -3.80 38.10
C PRO A 343 -3.01 -5.18 37.63
N TYR A 344 -3.64 -5.66 36.56
CA TYR A 344 -3.30 -6.94 35.94
C TYR A 344 -1.96 -6.70 35.26
N GLU A 345 -1.09 -7.71 35.29
CA GLU A 345 0.23 -7.58 34.68
C GLU A 345 0.14 -7.22 33.21
N LEU A 346 -0.70 -7.93 32.49
CA LEU A 346 -0.87 -7.70 31.06
C LEU A 346 -1.13 -6.25 30.68
N THR A 347 -2.00 -5.58 31.43
CA THR A 347 -2.36 -4.20 31.11
C THR A 347 -1.87 -3.11 32.04
N ARG A 348 -0.97 -3.42 32.97
CA ARG A 348 -0.47 -2.41 33.88
C ARG A 348 0.36 -1.38 33.14
N VAL A 349 0.25 -0.11 33.54
CA VAL A 349 1.02 0.96 32.93
C VAL A 349 2.42 0.88 33.52
N CYS A 350 3.42 0.54 32.70
CA CYS A 350 4.80 0.44 33.16
C CYS A 350 5.59 1.74 33.01
N LEU A 351 6.51 1.95 33.95
CA LEU A 351 7.35 3.16 33.95
C LEU A 351 8.83 2.80 33.83
N GLN A 352 9.62 3.74 33.30
CA GLN A 352 11.05 3.50 33.16
C GLN A 352 11.67 3.42 34.54
N PRO A 353 12.42 2.36 34.81
CA PRO A 353 13.03 2.25 36.14
C PRO A 353 14.04 3.36 36.45
N ILE A 354 14.35 3.53 37.73
CA ILE A 354 15.31 4.51 38.22
C ILE A 354 16.27 3.70 39.07
N ARG A 355 17.54 3.70 38.71
CA ARG A 355 18.54 2.94 39.47
C ARG A 355 18.43 3.22 40.96
N GLY A 356 18.54 2.17 41.77
CA GLY A 356 18.46 2.32 43.21
C GLY A 356 17.08 2.53 43.80
N VAL A 357 16.05 2.60 42.95
CA VAL A 357 14.70 2.78 43.44
C VAL A 357 13.89 1.52 43.13
N GLU A 358 13.67 0.70 44.15
CA GLU A 358 12.95 -0.54 43.99
C GLU A 358 11.53 -0.32 43.51
N GLY A 359 11.14 -1.10 42.50
CA GLY A 359 9.81 -0.99 41.93
C GLY A 359 9.52 0.35 41.28
N SER A 360 10.56 1.00 40.74
CA SER A 360 10.39 2.30 40.10
C SER A 360 9.62 2.22 38.80
N ASP A 361 9.31 1.00 38.36
CA ASP A 361 8.56 0.80 37.13
C ASP A 361 7.06 0.64 37.43
N TYR A 362 6.71 0.68 38.71
CA TYR A 362 5.33 0.47 39.12
C TYR A 362 4.49 1.66 39.58
N ILE A 363 3.24 1.66 39.11
CA ILE A 363 2.22 2.64 39.47
C ILE A 363 0.91 1.86 39.40
N ASN A 364 0.01 2.09 40.33
CA ASN A 364 -1.28 1.38 40.31
C ASN A 364 -2.18 2.02 39.27
N ALA A 365 -1.97 1.63 38.01
CA ALA A 365 -2.72 2.15 36.87
C ALA A 365 -2.80 1.09 35.76
N SER A 366 -3.87 1.12 34.97
CA SER A 366 -4.07 0.17 33.87
C SER A 366 -4.50 0.85 32.57
N PHE A 367 -4.07 0.30 31.44
CA PHE A 367 -4.45 0.83 30.11
C PHE A 367 -5.81 0.22 29.73
N LEU A 368 -6.79 1.05 29.40
CA LEU A 368 -8.12 0.54 29.02
C LEU A 368 -8.43 1.01 27.59
N ASP A 369 -9.07 0.13 26.81
CA ASP A 369 -9.41 0.44 25.42
C ASP A 369 -10.69 1.25 25.30
N GLY A 370 -10.73 2.17 24.35
CA GLY A 370 -11.91 2.98 24.15
C GLY A 370 -12.71 2.47 22.97
N TYR A 371 -13.66 3.27 22.49
CA TYR A 371 -14.50 2.88 21.36
C TYR A 371 -13.72 2.83 20.04
N ARG A 372 -13.04 3.93 19.70
CA ARG A 372 -12.29 3.99 18.45
C ARG A 372 -10.82 3.61 18.52
N GLN A 373 -10.28 3.45 19.73
CA GLN A 373 -8.87 3.12 19.84
C GLN A 373 -8.48 2.40 21.11
N GLN A 374 -7.47 1.54 21.00
CA GLN A 374 -6.98 0.81 22.14
C GLN A 374 -6.12 1.73 23.02
N LYS A 375 -6.04 1.41 24.31
CA LYS A 375 -5.26 2.21 25.25
C LYS A 375 -5.64 3.68 25.21
N ALA A 376 -6.94 3.95 25.04
CA ALA A 376 -7.46 5.31 24.98
C ALA A 376 -7.57 5.92 26.37
N TYR A 377 -7.52 5.06 27.39
CA TYR A 377 -7.62 5.52 28.77
C TYR A 377 -6.63 4.86 29.69
N ILE A 378 -6.31 5.57 30.77
CA ILE A 378 -5.46 5.06 31.84
C ILE A 378 -6.35 5.22 33.08
N ALA A 379 -6.72 4.08 33.67
CA ALA A 379 -7.55 4.05 34.87
C ALA A 379 -6.57 3.90 36.02
N THR A 380 -6.59 4.83 36.97
CA THR A 380 -5.65 4.77 38.08
C THR A 380 -6.28 5.26 39.39
N GLN A 381 -5.63 4.94 40.50
CA GLN A 381 -6.11 5.34 41.82
C GLN A 381 -5.81 6.81 42.03
N GLY A 382 -6.46 7.43 43.02
CA GLY A 382 -6.18 8.82 43.31
C GLY A 382 -4.76 8.83 43.85
N PRO A 383 -3.83 9.57 43.21
CA PRO A 383 -2.44 9.61 43.69
C PRO A 383 -2.29 9.80 45.20
N LEU A 384 -1.24 9.17 45.73
CA LEU A 384 -0.89 9.25 47.13
C LEU A 384 0.30 10.18 47.19
N ALA A 385 0.61 10.69 48.38
CA ALA A 385 1.76 11.56 48.53
C ALA A 385 3.00 10.77 48.07
N GLU A 386 3.00 9.46 48.33
CA GLU A 386 4.09 8.56 47.95
C GLU A 386 4.23 8.28 46.44
N SER A 387 3.16 8.45 45.67
CA SER A 387 3.21 8.17 44.24
C SER A 387 3.01 9.38 43.34
N THR A 388 3.03 10.58 43.92
CA THR A 388 2.80 11.80 43.15
C THR A 388 3.84 12.01 42.05
N GLU A 389 5.11 11.78 42.38
CA GLU A 389 6.16 11.91 41.41
C GLU A 389 5.98 10.86 40.31
N ASP A 390 5.61 9.64 40.72
CA ASP A 390 5.39 8.54 39.78
C ASP A 390 4.23 8.87 38.83
N PHE A 391 3.24 9.58 39.35
CA PHE A 391 2.05 9.97 38.57
C PHE A 391 2.45 10.91 37.42
N TRP A 392 3.21 11.95 37.73
CA TRP A 392 3.65 12.90 36.72
C TRP A 392 4.60 12.20 35.75
N ARG A 393 5.40 11.26 36.26
CA ARG A 393 6.33 10.51 35.41
C ARG A 393 5.50 9.74 34.39
N MET A 394 4.43 9.11 34.88
CA MET A 394 3.55 8.32 34.02
C MET A 394 2.90 9.16 32.94
N LEU A 395 2.43 10.35 33.29
CA LEU A 395 1.79 11.22 32.31
C LEU A 395 2.75 11.64 31.16
N TRP A 396 3.99 11.98 31.51
CA TRP A 396 4.93 12.41 30.48
C TRP A 396 5.37 11.22 29.62
N GLU A 397 5.74 10.13 30.29
CA GLU A 397 6.19 8.93 29.62
C GLU A 397 5.15 8.36 28.67
N HIS A 398 3.87 8.44 29.04
CA HIS A 398 2.82 7.90 28.19
C HIS A 398 2.00 8.91 27.41
N ASN A 399 2.52 10.13 27.35
CA ASN A 399 1.91 11.23 26.60
C ASN A 399 0.45 11.56 26.86
N SER A 400 0.06 11.53 28.13
CA SER A 400 -1.31 11.83 28.51
C SER A 400 -1.31 13.29 28.96
N THR A 401 -2.12 14.12 28.31
CA THR A 401 -2.19 15.55 28.63
C THR A 401 -3.59 15.96 29.11
N ILE A 402 -4.45 14.98 29.31
CA ILE A 402 -5.80 15.21 29.80
C ILE A 402 -6.00 14.33 31.04
N ILE A 403 -6.28 14.98 32.16
CA ILE A 403 -6.51 14.30 33.44
C ILE A 403 -7.97 14.47 33.90
N VAL A 404 -8.59 13.39 34.32
CA VAL A 404 -9.96 13.44 34.83
C VAL A 404 -9.96 12.96 36.28
N MET A 405 -10.32 13.87 37.19
CA MET A 405 -10.40 13.59 38.63
C MET A 405 -11.89 13.49 39.00
N LEU A 406 -12.29 12.39 39.63
CA LEU A 406 -13.70 12.16 39.97
C LEU A 406 -14.10 12.24 41.46
N THR A 407 -13.25 12.83 42.29
CA THR A 407 -13.55 12.98 43.70
C THR A 407 -13.11 14.36 44.16
N LYS A 408 -13.37 14.66 45.43
CA LYS A 408 -12.91 15.91 46.03
C LYS A 408 -11.61 15.41 46.65
N LEU A 409 -10.73 16.32 47.08
CA LEU A 409 -9.50 15.89 47.69
C LEU A 409 -9.82 15.09 48.96
N ARG A 410 -10.87 15.51 49.65
CA ARG A 410 -11.31 14.83 50.86
C ARG A 410 -12.82 14.69 50.86
N GLU A 411 -13.30 13.55 51.34
CA GLU A 411 -14.72 13.25 51.44
C GLU A 411 -15.00 12.40 52.68
N MET A 412 -16.12 12.67 53.35
CA MET A 412 -16.52 11.93 54.56
C MET A 412 -15.45 11.90 55.67
N GLY A 413 -14.64 12.97 55.76
CA GLY A 413 -13.61 13.03 56.79
C GLY A 413 -12.31 12.30 56.52
N ARG A 414 -12.10 11.85 55.29
CA ARG A 414 -10.87 11.14 54.97
C ARG A 414 -10.33 11.55 53.61
N GLU A 415 -9.07 11.25 53.34
CA GLU A 415 -8.47 11.61 52.07
C GLU A 415 -8.88 10.66 50.96
N LYS A 416 -9.30 11.23 49.83
CA LYS A 416 -9.68 10.42 48.67
C LYS A 416 -8.52 10.54 47.66
N CYS A 417 -7.87 11.69 47.69
CA CYS A 417 -6.76 12.00 46.79
C CYS A 417 -5.80 13.04 47.39
N HIS A 418 -4.51 12.83 47.15
CA HIS A 418 -3.49 13.77 47.64
C HIS A 418 -3.45 14.90 46.62
N GLN A 419 -3.17 16.13 47.06
CA GLN A 419 -3.10 17.22 46.10
C GLN A 419 -1.73 17.13 45.43
N TYR A 420 -1.72 16.46 44.29
CA TYR A 420 -0.51 16.22 43.51
C TYR A 420 -0.14 17.34 42.55
N TRP A 421 -0.89 18.43 42.58
CA TRP A 421 -0.63 19.53 41.69
C TRP A 421 -0.41 20.79 42.49
N PRO A 422 0.36 21.73 41.93
CA PRO A 422 0.67 23.02 42.58
C PRO A 422 -0.53 23.97 42.44
N ALA A 423 -0.76 24.78 43.46
CA ALA A 423 -1.87 25.71 43.42
C ALA A 423 -1.42 27.15 43.20
N GLU A 424 -0.41 27.57 43.94
CA GLU A 424 0.09 28.94 43.86
C GLU A 424 1.34 29.08 43.01
N ARG A 425 2.44 28.55 43.52
CA ARG A 425 3.71 28.63 42.81
C ARG A 425 4.01 27.34 42.09
N SER A 426 4.99 27.39 41.21
CA SER A 426 5.41 26.21 40.46
C SER A 426 6.04 25.18 41.38
N ALA A 427 6.07 23.94 40.91
CA ALA A 427 6.65 22.84 41.67
C ALA A 427 7.22 21.83 40.70
N ARG A 428 8.32 21.19 41.09
CA ARG A 428 8.95 20.18 40.26
C ARG A 428 8.75 18.78 40.84
N TYR A 429 8.40 17.85 39.95
CA TYR A 429 8.19 16.46 40.33
C TYR A 429 9.18 15.70 39.45
N GLN A 430 10.29 15.30 40.06
CA GLN A 430 11.35 14.62 39.33
C GLN A 430 11.93 15.63 38.35
N TYR A 431 11.82 15.38 37.05
CA TYR A 431 12.37 16.31 36.05
C TYR A 431 11.34 17.30 35.54
N PHE A 432 10.10 17.18 36.00
CA PHE A 432 9.06 18.04 35.50
C PHE A 432 8.57 19.17 36.40
N VAL A 433 8.74 20.39 35.90
CA VAL A 433 8.34 21.59 36.61
C VAL A 433 6.91 21.92 36.16
N VAL A 434 5.99 21.96 37.09
CA VAL A 434 4.60 22.22 36.76
C VAL A 434 4.16 23.62 37.20
N ASP A 435 3.77 24.46 36.23
CA ASP A 435 3.31 25.82 36.53
C ASP A 435 1.81 25.90 36.42
N PRO A 436 1.13 26.35 37.49
CA PRO A 436 -0.33 26.47 37.44
C PRO A 436 -0.64 27.68 36.55
N MET A 437 -1.40 27.48 35.48
CA MET A 437 -1.72 28.57 34.58
C MET A 437 -3.13 29.15 34.65
N ALA A 438 -4.11 28.33 35.02
CA ALA A 438 -5.50 28.77 35.14
C ALA A 438 -6.35 27.76 35.90
N GLU A 439 -7.39 28.25 36.56
CA GLU A 439 -8.33 27.41 37.30
C GLU A 439 -9.71 28.00 37.15
N TYR A 440 -10.59 27.27 36.50
CA TYR A 440 -11.96 27.74 36.31
C TYR A 440 -12.86 26.89 37.19
N ASN A 441 -13.47 27.53 38.17
CA ASN A 441 -14.37 26.84 39.11
C ASN A 441 -15.80 27.02 38.64
N MET A 442 -16.38 25.91 38.19
CA MET A 442 -17.75 25.90 37.70
C MET A 442 -18.71 25.25 38.70
N PRO A 443 -20.02 25.39 38.47
CA PRO A 443 -21.00 24.79 39.39
C PRO A 443 -20.80 23.31 39.69
N GLN A 444 -20.49 22.52 38.66
CA GLN A 444 -20.34 21.08 38.88
C GLN A 444 -18.96 20.49 38.66
N TYR A 445 -18.00 21.32 38.29
CA TYR A 445 -16.65 20.82 38.07
C TYR A 445 -15.65 21.95 37.95
N ILE A 446 -14.37 21.58 38.00
CA ILE A 446 -13.27 22.52 37.92
C ILE A 446 -12.35 22.13 36.78
N LEU A 447 -11.81 23.13 36.09
CA LEU A 447 -10.87 22.88 35.01
C LEU A 447 -9.60 23.65 35.35
N ARG A 448 -8.48 22.93 35.46
CA ARG A 448 -7.20 23.52 35.77
C ARG A 448 -6.26 23.28 34.59
N GLU A 449 -5.43 24.27 34.28
CA GLU A 449 -4.48 24.17 33.18
C GLU A 449 -3.06 24.28 33.75
N PHE A 450 -2.17 23.43 33.27
CA PHE A 450 -0.79 23.43 33.73
C PHE A 450 0.22 23.42 32.59
N LYS A 451 1.35 24.09 32.82
CA LYS A 451 2.42 24.09 31.83
C LYS A 451 3.41 23.15 32.49
N VAL A 452 3.78 22.07 31.80
CA VAL A 452 4.72 21.10 32.34
C VAL A 452 5.98 21.06 31.49
N THR A 453 7.12 21.32 32.12
CA THR A 453 8.39 21.36 31.40
C THR A 453 9.46 20.39 31.88
N ASP A 454 10.05 19.68 30.92
CA ASP A 454 11.12 18.73 31.18
C ASP A 454 12.39 19.56 31.31
N ALA A 455 12.89 19.69 32.54
CA ALA A 455 14.08 20.51 32.81
C ALA A 455 15.35 20.02 32.10
N ARG A 456 15.35 18.77 31.66
CA ARG A 456 16.51 18.22 30.99
C ARG A 456 16.74 18.86 29.62
N ASP A 457 15.66 19.08 28.87
CA ASP A 457 15.78 19.65 27.53
C ASP A 457 14.92 20.88 27.25
N GLY A 458 14.16 21.33 28.24
CA GLY A 458 13.33 22.51 28.01
C GLY A 458 12.07 22.28 27.21
N GLN A 459 11.71 21.03 26.94
CA GLN A 459 10.49 20.73 26.19
C GLN A 459 9.30 20.82 27.13
N SER A 460 8.17 21.32 26.63
CA SER A 460 6.99 21.43 27.48
C SER A 460 5.68 21.05 26.80
N ARG A 461 4.67 20.81 27.63
CA ARG A 461 3.34 20.43 27.16
C ARG A 461 2.33 21.11 28.06
N THR A 462 1.09 21.23 27.59
CA THR A 462 0.04 21.84 28.40
C THR A 462 -0.84 20.71 28.92
N ILE A 463 -0.97 20.63 30.24
CA ILE A 463 -1.77 19.57 30.84
C ILE A 463 -3.07 20.16 31.38
N ARG A 464 -4.20 19.58 30.98
CA ARG A 464 -5.52 20.05 31.41
C ARG A 464 -6.16 19.04 32.35
N GLN A 465 -6.55 19.52 33.53
CA GLN A 465 -7.18 18.69 34.56
C GLN A 465 -8.67 19.07 34.75
N PHE A 466 -9.55 18.09 34.62
CA PHE A 466 -10.99 18.29 34.81
C PHE A 466 -11.36 17.55 36.09
N GLN A 467 -11.85 18.27 37.09
CA GLN A 467 -12.24 17.64 38.35
C GLN A 467 -13.75 17.81 38.60
N PHE A 468 -14.49 16.71 38.48
CA PHE A 468 -15.93 16.76 38.72
C PHE A 468 -16.07 16.87 40.23
N THR A 469 -16.78 17.90 40.69
CA THR A 469 -16.95 18.16 42.12
C THR A 469 -18.38 17.94 42.62
N ASP A 470 -19.28 17.52 41.74
CA ASP A 470 -20.66 17.32 42.17
C ASP A 470 -21.04 15.87 42.41
N TRP A 471 -20.08 14.99 42.66
CA TRP A 471 -20.44 13.61 42.94
C TRP A 471 -20.81 13.52 44.41
N PRO A 472 -22.02 13.00 44.71
CA PRO A 472 -22.43 12.89 46.12
C PRO A 472 -21.44 12.07 46.97
N GLU A 473 -21.12 12.56 48.17
CA GLU A 473 -20.17 11.87 49.04
C GLU A 473 -20.72 10.53 49.51
N GLN A 474 -21.99 10.29 49.24
CA GLN A 474 -22.64 9.04 49.57
C GLN A 474 -23.66 8.81 48.46
N GLY A 475 -23.58 7.65 47.82
CA GLY A 475 -24.48 7.34 46.72
C GLY A 475 -23.94 7.77 45.38
N VAL A 476 -24.82 7.85 44.39
CA VAL A 476 -24.45 8.24 43.03
C VAL A 476 -25.37 9.37 42.55
N PRO A 477 -24.93 10.12 41.52
CA PRO A 477 -25.73 11.21 40.97
C PRO A 477 -27.16 10.75 40.65
N LYS A 478 -28.14 11.62 40.85
CA LYS A 478 -29.53 11.29 40.60
C LYS A 478 -29.85 11.19 39.13
N THR A 479 -29.55 12.24 38.35
CA THR A 479 -29.83 12.26 36.91
C THR A 479 -28.68 11.90 35.96
N GLY A 480 -27.46 12.31 36.29
CA GLY A 480 -26.35 12.02 35.40
C GLY A 480 -26.22 13.11 34.34
N GLU A 481 -27.12 14.08 34.38
CA GLU A 481 -27.11 15.18 33.42
C GLU A 481 -25.80 15.96 33.45
N GLY A 482 -25.41 16.42 34.63
CA GLY A 482 -24.17 17.17 34.77
C GLY A 482 -22.96 16.32 34.44
N PHE A 483 -23.01 15.03 34.75
CA PHE A 483 -21.89 14.14 34.45
C PHE A 483 -21.75 13.94 32.95
N ILE A 484 -22.87 13.79 32.25
CA ILE A 484 -22.83 13.61 30.80
C ILE A 484 -22.19 14.85 30.17
N ASP A 485 -22.59 16.04 30.61
CA ASP A 485 -22.01 17.27 30.08
C ASP A 485 -20.49 17.26 30.33
N PHE A 486 -20.10 16.82 31.52
CA PHE A 486 -18.69 16.73 31.93
C PHE A 486 -17.90 15.83 30.98
N ILE A 487 -18.49 14.67 30.66
CA ILE A 487 -17.85 13.74 29.76
C ILE A 487 -17.62 14.45 28.42
N GLY A 488 -18.63 15.16 27.92
CA GLY A 488 -18.49 15.87 26.66
C GLY A 488 -17.41 16.96 26.65
N GLN A 489 -17.26 17.67 27.76
CA GLN A 489 -16.25 18.72 27.87
C GLN A 489 -14.84 18.14 27.75
N VAL A 490 -14.58 17.08 28.49
CA VAL A 490 -13.28 16.43 28.51
C VAL A 490 -12.83 16.02 27.12
N HIS A 491 -13.69 15.29 26.42
CA HIS A 491 -13.36 14.81 25.08
C HIS A 491 -13.34 15.91 24.01
N LYS A 492 -14.19 16.92 24.18
CA LYS A 492 -14.25 18.02 23.22
C LYS A 492 -12.94 18.81 23.29
N THR A 493 -12.48 19.03 24.52
CA THR A 493 -11.24 19.75 24.74
C THR A 493 -10.03 18.96 24.19
N LYS A 494 -10.10 17.64 24.31
CA LYS A 494 -9.03 16.78 23.82
C LYS A 494 -8.92 16.88 22.29
N GLU A 495 -10.05 16.82 21.60
CA GLU A 495 -10.03 16.90 20.14
C GLU A 495 -9.68 18.30 19.70
N GLN A 496 -10.22 19.28 20.41
CA GLN A 496 -9.97 20.69 20.10
C GLN A 496 -8.49 21.01 20.02
N PHE A 497 -7.76 20.66 21.06
CA PHE A 497 -6.34 20.96 21.12
C PHE A 497 -5.48 19.85 20.53
N GLY A 498 -6.14 18.96 19.78
CA GLY A 498 -5.46 17.87 19.12
C GLY A 498 -4.52 17.04 19.95
N GLN A 499 -4.91 16.74 21.19
CA GLN A 499 -4.08 15.95 22.08
C GLN A 499 -4.34 14.47 21.74
N ASP A 500 -3.29 13.76 21.32
CA ASP A 500 -3.42 12.37 20.92
C ASP A 500 -3.09 11.26 21.93
N GLY A 501 -2.67 11.63 23.13
CA GLY A 501 -2.35 10.60 24.11
C GLY A 501 -3.58 10.05 24.83
N PRO A 502 -3.41 9.13 25.81
CA PRO A 502 -4.57 8.59 26.51
C PRO A 502 -5.10 9.60 27.53
N ILE A 503 -6.34 9.39 27.96
CA ILE A 503 -6.96 10.24 28.96
C ILE A 503 -6.76 9.53 30.30
N THR A 504 -6.14 10.18 31.26
CA THR A 504 -5.91 9.56 32.56
C THR A 504 -7.11 9.85 33.46
N VAL A 505 -7.76 8.80 33.95
CA VAL A 505 -8.94 8.94 34.80
C VAL A 505 -8.72 8.33 36.19
N HIS A 506 -9.01 9.10 37.25
CA HIS A 506 -8.84 8.59 38.59
C HIS A 506 -9.92 9.02 39.57
N CYS A 507 -10.16 8.17 40.57
CA CYS A 507 -11.13 8.44 41.63
C CYS A 507 -10.44 7.93 42.90
N SER A 508 -11.07 7.03 43.64
CA SER A 508 -10.41 6.50 44.84
C SER A 508 -9.44 5.39 44.44
N ALA A 509 -9.97 4.26 43.98
CA ALA A 509 -9.15 3.14 43.55
C ALA A 509 -9.11 3.03 42.03
N GLY A 510 -9.78 3.95 41.34
CA GLY A 510 -9.79 3.95 39.89
C GLY A 510 -10.58 2.86 39.20
N VAL A 511 -11.67 2.41 39.83
CA VAL A 511 -12.52 1.37 39.27
C VAL A 511 -14.01 1.70 39.37
N GLY A 512 -14.39 2.41 40.43
CA GLY A 512 -15.80 2.75 40.63
C GLY A 512 -16.30 3.92 39.80
N ARG A 513 -16.07 5.14 40.29
CA ARG A 513 -16.49 6.34 39.57
C ARG A 513 -15.75 6.38 38.23
N THR A 514 -14.51 5.91 38.23
CA THR A 514 -13.69 5.87 37.01
C THR A 514 -14.34 4.92 36.02
N GLY A 515 -14.96 3.87 36.54
CA GLY A 515 -15.64 2.89 35.70
C GLY A 515 -16.85 3.48 35.01
N VAL A 516 -17.60 4.29 35.73
CA VAL A 516 -18.78 4.93 35.12
C VAL A 516 -18.31 5.90 34.02
N PHE A 517 -17.27 6.68 34.30
CA PHE A 517 -16.78 7.64 33.33
C PHE A 517 -16.42 6.97 32.01
N ILE A 518 -15.51 5.99 32.06
CA ILE A 518 -15.08 5.27 30.86
C ILE A 518 -16.20 4.48 30.19
N THR A 519 -17.03 3.80 30.99
CA THR A 519 -18.13 3.02 30.44
C THR A 519 -19.08 3.93 29.63
N LEU A 520 -19.45 5.06 30.22
CA LEU A 520 -20.34 5.99 29.54
C LEU A 520 -19.66 6.66 28.34
N SER A 521 -18.37 6.98 28.47
CA SER A 521 -17.62 7.60 27.37
C SER A 521 -17.76 6.74 26.11
N ILE A 522 -17.64 5.42 26.29
CA ILE A 522 -17.76 4.46 25.19
C ILE A 522 -19.20 4.28 24.73
N VAL A 523 -20.07 3.92 25.68
CA VAL A 523 -21.48 3.68 25.38
C VAL A 523 -22.22 4.88 24.79
N LEU A 524 -22.04 6.07 25.36
CA LEU A 524 -22.74 7.23 24.84
C LEU A 524 -22.37 7.55 23.39
N GLU A 525 -21.11 7.37 23.01
CA GLU A 525 -20.73 7.65 21.63
C GLU A 525 -21.17 6.54 20.68
N ARG A 526 -21.10 5.30 21.14
CA ARG A 526 -21.50 4.19 20.30
C ARG A 526 -22.99 4.24 20.01
N MET A 527 -23.76 4.74 20.98
CA MET A 527 -25.21 4.86 20.84
C MET A 527 -25.50 5.92 19.79
N ARG A 528 -24.65 6.95 19.76
CA ARG A 528 -24.77 8.05 18.82
C ARG A 528 -24.50 7.59 17.38
N TYR A 529 -23.51 6.72 17.19
CA TYR A 529 -23.14 6.25 15.86
C TYR A 529 -23.68 4.89 15.43
N GLU A 530 -24.09 4.05 16.40
CA GLU A 530 -24.60 2.72 16.04
C GLU A 530 -26.06 2.43 16.43
N GLY A 531 -26.68 3.38 17.12
CA GLY A 531 -28.06 3.20 17.52
C GLY A 531 -28.32 2.02 18.46
N VAL A 532 -27.30 1.55 19.17
CA VAL A 532 -27.48 0.43 20.10
C VAL A 532 -26.71 0.64 21.40
N VAL A 533 -27.08 -0.11 22.44
CA VAL A 533 -26.45 -0.02 23.75
C VAL A 533 -26.21 -1.42 24.32
N ASP A 534 -24.97 -1.69 24.70
CA ASP A 534 -24.63 -2.97 25.30
C ASP A 534 -23.78 -2.73 26.52
N MET A 535 -24.47 -2.42 27.63
CA MET A 535 -23.83 -2.13 28.89
C MET A 535 -23.04 -3.32 29.41
N PHE A 536 -23.66 -4.49 29.39
CA PHE A 536 -23.01 -5.71 29.86
C PHE A 536 -21.67 -6.03 29.19
N GLN A 537 -21.63 -6.07 27.86
CA GLN A 537 -20.38 -6.39 27.16
C GLN A 537 -19.30 -5.32 27.39
N THR A 538 -19.71 -4.06 27.50
CA THR A 538 -18.78 -2.97 27.74
C THR A 538 -18.05 -3.14 29.08
N VAL A 539 -18.81 -3.33 30.15
CA VAL A 539 -18.22 -3.51 31.48
C VAL A 539 -17.47 -4.84 31.57
N LYS A 540 -18.00 -5.87 30.92
CA LYS A 540 -17.36 -7.18 30.94
C LYS A 540 -15.96 -7.05 30.34
N THR A 541 -15.87 -6.32 29.23
CA THR A 541 -14.61 -6.10 28.52
C THR A 541 -13.60 -5.25 29.30
N LEU A 542 -14.08 -4.17 29.92
CA LEU A 542 -13.20 -3.31 30.70
C LEU A 542 -12.59 -4.10 31.84
N ARG A 543 -13.39 -5.00 32.41
CA ARG A 543 -12.95 -5.81 33.53
C ARG A 543 -11.82 -6.79 33.19
N THR A 544 -11.59 -7.05 31.90
CA THR A 544 -10.48 -7.93 31.54
C THR A 544 -9.18 -7.08 31.52
N GLN A 545 -9.34 -5.77 31.60
CA GLN A 545 -8.20 -4.84 31.56
C GLN A 545 -7.81 -4.30 32.94
N ARG A 546 -8.79 -4.22 33.84
CA ARG A 546 -8.56 -3.77 35.22
C ARG A 546 -9.71 -4.39 36.01
N PRO A 547 -9.40 -4.97 37.19
CA PRO A 547 -10.51 -5.56 37.96
C PRO A 547 -11.54 -4.59 38.56
N ALA A 548 -12.77 -5.07 38.67
CA ALA A 548 -13.87 -4.34 39.26
C ALA A 548 -14.40 -3.06 38.62
N MET A 549 -14.13 -2.84 37.33
CA MET A 549 -14.65 -1.62 36.68
C MET A 549 -16.16 -1.55 36.92
N VAL A 550 -16.64 -0.40 37.43
CA VAL A 550 -18.05 -0.20 37.79
C VAL A 550 -18.27 -1.20 38.93
N GLN A 551 -17.87 -0.75 40.12
CA GLN A 551 -17.87 -1.55 41.33
C GLN A 551 -19.19 -1.94 42.00
N THR A 552 -20.15 -1.02 42.05
CA THR A 552 -21.41 -1.30 42.72
C THR A 552 -22.61 -1.30 41.77
N GLU A 553 -23.68 -1.98 42.17
CA GLU A 553 -24.86 -2.05 41.33
C GLU A 553 -25.48 -0.68 41.12
N ASP A 554 -25.39 0.21 42.11
CA ASP A 554 -25.97 1.53 41.93
C ASP A 554 -25.22 2.37 40.90
N GLN A 555 -23.94 2.06 40.68
CA GLN A 555 -23.14 2.78 39.67
C GLN A 555 -23.55 2.22 38.32
N TYR A 556 -23.81 0.91 38.29
CA TYR A 556 -24.23 0.21 37.07
C TYR A 556 -25.59 0.74 36.61
N GLN A 557 -26.48 0.96 37.56
CA GLN A 557 -27.82 1.47 37.29
C GLN A 557 -27.73 2.89 36.74
N LEU A 558 -26.81 3.68 37.29
CA LEU A 558 -26.60 5.05 36.85
C LEU A 558 -26.13 5.06 35.40
N CYS A 559 -25.34 4.06 35.01
CA CYS A 559 -24.85 3.97 33.64
C CYS A 559 -26.05 3.89 32.70
N TYR A 560 -27.05 3.09 33.09
CA TYR A 560 -28.27 2.92 32.30
C TYR A 560 -29.11 4.21 32.34
N ARG A 561 -29.27 4.77 33.52
CA ARG A 561 -30.04 6.01 33.67
C ARG A 561 -29.45 7.13 32.80
N ALA A 562 -28.12 7.28 32.82
CA ALA A 562 -27.43 8.32 32.06
C ALA A 562 -27.56 8.14 30.56
N ALA A 563 -27.51 6.90 30.10
CA ALA A 563 -27.63 6.61 28.67
C ALA A 563 -29.03 6.99 28.20
N LEU A 564 -30.03 6.70 29.02
CA LEU A 564 -31.40 7.04 28.68
C LEU A 564 -31.48 8.56 28.56
N GLU A 565 -30.87 9.26 29.52
CA GLU A 565 -30.82 10.72 29.56
C GLU A 565 -30.29 11.29 28.25
N TYR A 566 -29.07 10.88 27.92
CA TYR A 566 -28.40 11.31 26.69
C TYR A 566 -29.27 11.04 25.47
N LEU A 567 -29.87 9.86 25.45
CA LEU A 567 -30.75 9.47 24.35
C LEU A 567 -31.86 10.52 24.15
N GLY A 568 -32.44 10.97 25.26
CA GLY A 568 -33.51 11.94 25.18
C GLY A 568 -33.06 13.32 24.77
N SER A 569 -31.77 13.62 24.96
CA SER A 569 -31.23 14.92 24.61
C SER A 569 -31.07 15.14 23.10
N PHE A 570 -31.25 14.08 22.32
CA PHE A 570 -31.11 14.18 20.87
C PHE A 570 -32.21 15.05 20.25
N THR B 34 12.55 20.82 15.34
CA THR B 34 11.37 21.73 15.42
C THR B 34 11.05 22.37 14.08
N TRP B 35 9.76 22.55 13.81
CA TRP B 35 9.28 23.15 12.58
C TRP B 35 8.16 24.16 12.88
N GLU B 36 8.46 25.13 13.75
CA GLU B 36 7.49 26.14 14.14
C GLU B 36 7.03 26.97 12.94
N ASN B 37 7.90 27.07 11.93
CA ASN B 37 7.60 27.85 10.74
C ASN B 37 6.55 27.17 9.85
N SER B 38 6.69 25.86 9.65
CA SER B 38 5.75 25.11 8.83
C SER B 38 4.34 25.11 9.41
N ASN B 39 4.24 25.28 10.72
CA ASN B 39 2.96 25.27 11.41
C ASN B 39 2.28 26.62 11.55
N LEU B 40 3.03 27.71 11.43
CA LEU B 40 2.44 29.03 11.53
C LEU B 40 1.14 29.03 10.73
N GLU B 41 0.12 29.70 11.25
CA GLU B 41 -1.17 29.74 10.57
C GLU B 41 -1.08 30.33 9.16
N VAL B 42 -0.16 31.27 8.97
CA VAL B 42 0.02 31.89 7.67
C VAL B 42 0.69 30.92 6.67
N ASN B 43 1.49 29.99 7.19
CA ASN B 43 2.20 29.04 6.33
C ASN B 43 1.51 27.68 6.09
N LYS B 44 0.59 27.31 6.97
CA LYS B 44 -0.13 26.04 6.81
C LYS B 44 -0.71 25.80 5.40
N PRO B 45 -1.28 26.85 4.77
CA PRO B 45 -1.83 26.65 3.42
C PRO B 45 -0.76 26.53 2.34
N LYS B 46 0.50 26.67 2.76
CA LYS B 46 1.64 26.59 1.86
C LYS B 46 2.18 25.16 1.82
N ASN B 47 1.71 24.32 2.74
CA ASN B 47 2.13 22.93 2.81
C ASN B 47 1.11 22.07 2.07
N ARG B 48 1.59 21.31 1.08
CA ARG B 48 0.73 20.44 0.29
C ARG B 48 0.16 19.34 1.17
N TYR B 49 0.97 18.82 2.07
CA TYR B 49 0.54 17.76 2.96
C TYR B 49 0.81 18.24 4.38
N ALA B 50 -0.26 18.34 5.17
CA ALA B 50 -0.20 18.79 6.54
C ALA B 50 0.80 18.05 7.43
N ASN B 51 1.05 16.77 7.14
CA ASN B 51 1.99 16.02 7.96
C ASN B 51 3.41 16.09 7.41
N VAL B 52 3.53 16.48 6.14
CA VAL B 52 4.83 16.62 5.50
C VAL B 52 5.30 18.06 5.68
N ILE B 53 6.08 18.29 6.73
CA ILE B 53 6.55 19.64 7.02
C ILE B 53 8.05 19.74 6.82
N ALA B 54 8.59 20.92 7.11
CA ALA B 54 10.03 21.16 6.96
C ALA B 54 10.63 21.52 8.31
N TYR B 55 11.58 20.71 8.78
CA TYR B 55 12.23 20.98 10.04
C TYR B 55 13.13 22.16 9.83
N ASP B 56 13.26 23.06 10.79
CA ASP B 56 14.24 24.09 10.53
C ASP B 56 15.49 23.72 11.30
N HIS B 57 16.60 23.99 10.64
CA HIS B 57 17.94 23.73 11.09
C HIS B 57 18.48 23.41 9.71
N SER B 58 17.55 22.99 8.85
CA SER B 58 17.84 22.62 7.46
C SER B 58 16.95 23.30 6.41
N ARG B 59 15.81 23.84 6.85
CA ARG B 59 14.87 24.47 5.93
C ARG B 59 15.49 25.57 5.05
N VAL B 60 15.02 25.67 3.80
CA VAL B 60 15.51 26.70 2.88
C VAL B 60 14.72 27.96 3.19
N ILE B 61 15.44 29.05 3.42
CA ILE B 61 14.83 30.33 3.77
C ILE B 61 14.89 31.36 2.65
N LEU B 62 13.72 31.85 2.25
CA LEU B 62 13.61 32.86 1.20
C LEU B 62 13.89 34.20 1.86
N THR B 63 14.31 35.20 1.10
CA THR B 63 14.55 36.50 1.73
C THR B 63 13.19 37.00 2.18
N SER B 64 13.16 37.53 3.39
CA SER B 64 11.93 38.05 3.99
C SER B 64 11.43 39.32 3.32
N ILE B 65 10.11 39.43 3.21
CA ILE B 65 9.49 40.61 2.64
C ILE B 65 8.99 41.38 3.85
N ASP B 66 9.48 42.60 4.04
CA ASP B 66 9.09 43.39 5.19
C ASP B 66 7.59 43.72 5.20
N GLY B 67 6.94 43.45 6.32
CA GLY B 67 5.51 43.70 6.45
C GLY B 67 4.66 42.51 6.07
N VAL B 68 5.31 41.40 5.69
CA VAL B 68 4.59 40.19 5.29
C VAL B 68 4.99 38.94 6.09
N PRO B 69 4.30 38.66 7.20
CA PRO B 69 4.62 37.48 8.00
C PRO B 69 4.65 36.15 7.23
N GLY B 70 5.71 35.38 7.45
CA GLY B 70 5.86 34.08 6.80
C GLY B 70 6.40 34.12 5.38
N SER B 71 6.68 35.30 4.87
CA SER B 71 7.17 35.44 3.50
C SER B 71 8.51 34.74 3.23
N ASP B 72 9.24 34.38 4.28
CA ASP B 72 10.53 33.71 4.11
C ASP B 72 10.36 32.21 4.07
N TYR B 73 9.13 31.73 4.10
CA TYR B 73 8.88 30.30 4.15
C TYR B 73 8.48 29.52 2.88
N ILE B 74 9.09 28.34 2.74
CA ILE B 74 8.81 27.41 1.65
C ILE B 74 9.07 26.01 2.21
N ASN B 75 8.18 25.08 1.91
CA ASN B 75 8.31 23.71 2.39
C ASN B 75 9.43 23.01 1.62
N ALA B 76 10.68 23.36 1.93
CA ALA B 76 11.85 22.78 1.29
C ALA B 76 12.98 22.69 2.30
N ASN B 77 13.82 21.68 2.17
CA ASN B 77 14.96 21.48 3.08
C ASN B 77 16.21 21.16 2.28
N TYR B 78 17.37 21.55 2.81
CA TYR B 78 18.64 21.26 2.15
C TYR B 78 18.96 19.80 2.47
N ILE B 79 19.73 19.17 1.58
CA ILE B 79 20.13 17.78 1.78
C ILE B 79 21.60 17.66 1.40
N ASP B 80 22.36 16.93 2.21
CA ASP B 80 23.78 16.75 1.96
C ASP B 80 24.04 15.62 0.97
N GLY B 81 25.04 15.80 0.10
CA GLY B 81 25.39 14.76 -0.86
C GLY B 81 26.75 14.18 -0.51
N TYR B 82 27.45 13.59 -1.48
CA TYR B 82 28.77 13.04 -1.20
C TYR B 82 29.77 14.16 -0.93
N ARG B 83 30.29 14.20 0.30
CA ARG B 83 31.29 15.19 0.71
C ARG B 83 30.97 16.68 0.59
N LYS B 84 29.69 17.05 0.53
CA LYS B 84 29.33 18.47 0.45
C LYS B 84 28.01 18.76 1.17
N GLN B 85 28.01 19.84 1.94
CA GLN B 85 26.84 20.26 2.71
C GLN B 85 25.78 20.93 1.86
N ASN B 86 24.53 20.61 2.15
CA ASN B 86 23.38 21.17 1.45
C ASN B 86 23.65 21.29 -0.05
N ALA B 87 23.94 20.16 -0.67
CA ALA B 87 24.22 20.10 -2.10
C ALA B 87 22.93 20.14 -2.91
N TYR B 88 21.86 19.60 -2.33
CA TYR B 88 20.56 19.56 -2.99
C TYR B 88 19.50 20.28 -2.18
N ILE B 89 18.33 20.41 -2.79
CA ILE B 89 17.18 21.01 -2.16
C ILE B 89 16.00 20.11 -2.51
N ALA B 90 15.27 19.67 -1.49
CA ALA B 90 14.12 18.82 -1.69
C ALA B 90 12.84 19.59 -1.31
N THR B 91 11.92 19.73 -2.26
CA THR B 91 10.63 20.41 -2.02
C THR B 91 9.49 19.52 -2.45
N GLN B 92 8.29 20.00 -2.14
CA GLN B 92 7.05 19.33 -2.50
C GLN B 92 6.73 19.87 -3.88
N GLY B 93 5.78 19.24 -4.55
CA GLY B 93 5.37 19.76 -5.83
C GLY B 93 4.67 21.08 -5.53
N PRO B 94 5.06 22.18 -6.18
CA PRO B 94 4.43 23.48 -5.92
C PRO B 94 2.90 23.60 -6.09
N LEU B 95 2.29 24.34 -5.17
CA LEU B 95 0.86 24.61 -5.18
C LEU B 95 0.69 25.91 -5.97
N PRO B 96 -0.52 26.21 -6.43
CA PRO B 96 -0.69 27.45 -7.19
C PRO B 96 -0.30 28.71 -6.42
N GLU B 97 -0.48 28.68 -5.10
CA GLU B 97 -0.15 29.83 -4.28
C GLU B 97 1.31 29.91 -3.84
N THR B 98 2.09 28.85 -4.09
CA THR B 98 3.50 28.87 -3.70
C THR B 98 4.45 28.86 -4.89
N MET B 99 3.91 28.86 -6.10
CA MET B 99 4.73 28.85 -7.33
C MET B 99 5.68 30.04 -7.36
N GLY B 100 5.20 31.19 -6.88
CA GLY B 100 6.02 32.39 -6.86
C GLY B 100 7.18 32.17 -5.91
N ASP B 101 6.89 31.56 -4.76
CA ASP B 101 7.91 31.28 -3.76
C ASP B 101 8.90 30.24 -4.32
N PHE B 102 8.37 29.25 -5.04
CA PHE B 102 9.19 28.20 -5.63
C PHE B 102 10.20 28.78 -6.63
N TRP B 103 9.72 29.62 -7.53
CA TRP B 103 10.62 30.21 -8.53
C TRP B 103 11.58 31.21 -7.89
N ARG B 104 11.15 31.87 -6.81
CA ARG B 104 12.02 32.83 -6.12
C ARG B 104 13.13 32.04 -5.43
N MET B 105 12.81 30.84 -4.95
CA MET B 105 13.79 29.99 -4.30
C MET B 105 14.84 29.59 -5.33
N VAL B 106 14.38 29.23 -6.53
CA VAL B 106 15.30 28.82 -7.60
C VAL B 106 16.28 29.95 -7.91
N TRP B 107 15.76 31.17 -8.04
CA TRP B 107 16.61 32.31 -8.35
C TRP B 107 17.59 32.65 -7.23
N GLU B 108 17.07 32.75 -6.00
CA GLU B 108 17.87 33.07 -4.84
C GLU B 108 18.96 32.03 -4.59
N GLN B 109 18.65 30.77 -4.86
CA GLN B 109 19.61 29.70 -4.63
C GLN B 109 20.55 29.49 -5.82
N ARG B 110 20.39 30.28 -6.87
CA ARG B 110 21.23 30.17 -8.06
C ARG B 110 21.08 28.82 -8.75
N THR B 111 19.98 28.12 -8.46
CA THR B 111 19.71 26.80 -9.05
C THR B 111 19.70 26.87 -10.58
N ALA B 112 20.26 25.86 -11.24
CA ALA B 112 20.30 25.82 -12.69
C ALA B 112 19.48 24.65 -13.24
N THR B 113 19.27 23.64 -12.40
CA THR B 113 18.53 22.45 -12.79
C THR B 113 17.42 22.09 -11.81
N VAL B 114 16.24 21.76 -12.35
CA VAL B 114 15.12 21.33 -11.52
C VAL B 114 14.83 19.89 -11.90
N VAL B 115 14.70 19.02 -10.90
CA VAL B 115 14.38 17.63 -11.15
C VAL B 115 12.98 17.33 -10.62
N MET B 116 12.07 17.02 -11.54
CA MET B 116 10.69 16.69 -11.20
C MET B 116 10.55 15.17 -11.28
N MET B 117 10.38 14.52 -10.14
CA MET B 117 10.28 13.07 -10.10
C MET B 117 8.87 12.52 -10.17
N THR B 118 7.94 13.30 -10.72
CA THR B 118 6.56 12.88 -10.82
C THR B 118 5.88 13.36 -12.09
N ARG B 119 4.68 12.85 -12.31
CA ARG B 119 3.86 13.25 -13.42
C ARG B 119 2.87 14.20 -12.75
N LEU B 120 2.26 15.08 -13.51
CA LEU B 120 1.30 16.03 -12.94
C LEU B 120 0.10 15.27 -12.36
N GLU B 121 -0.40 14.30 -13.11
CA GLU B 121 -1.56 13.52 -12.67
C GLU B 121 -1.24 12.03 -12.70
N GLU B 122 -1.54 11.35 -11.60
CA GLU B 122 -1.30 9.91 -11.48
C GLU B 122 -2.52 9.29 -10.79
N LYS B 123 -3.22 8.41 -11.51
CA LYS B 123 -4.44 7.77 -11.01
C LYS B 123 -5.53 8.84 -10.93
N SER B 124 -5.59 9.68 -11.96
CA SER B 124 -6.55 10.78 -12.06
C SER B 124 -6.55 11.67 -10.83
N ARG B 125 -5.43 11.70 -10.13
CA ARG B 125 -5.26 12.51 -8.94
C ARG B 125 -4.10 13.46 -9.22
N VAL B 126 -4.18 14.69 -8.70
CA VAL B 126 -3.13 15.67 -8.91
C VAL B 126 -2.02 15.50 -7.87
N LYS B 127 -0.81 15.25 -8.34
CA LYS B 127 0.35 15.06 -7.46
C LYS B 127 1.12 16.37 -7.31
N CYS B 128 1.06 17.17 -8.37
CA CYS B 128 1.77 18.44 -8.41
C CYS B 128 1.01 19.37 -9.37
N ASP B 129 1.16 20.68 -9.18
CA ASP B 129 0.50 21.62 -10.06
C ASP B 129 1.53 22.13 -11.06
N GLN B 130 1.12 22.33 -12.31
CA GLN B 130 2.03 22.81 -13.34
C GLN B 130 2.50 24.21 -12.96
N TYR B 131 3.80 24.33 -12.72
CA TYR B 131 4.40 25.60 -12.30
C TYR B 131 5.17 26.35 -13.40
N TRP B 132 5.12 25.83 -14.62
CA TRP B 132 5.80 26.44 -15.76
C TRP B 132 4.82 26.72 -16.91
N PRO B 133 5.15 27.67 -17.80
CA PRO B 133 4.27 28.00 -18.93
C PRO B 133 4.28 26.92 -20.00
N ALA B 134 3.09 26.53 -20.47
CA ALA B 134 3.01 25.51 -21.50
C ALA B 134 3.43 26.12 -22.81
N ARG B 135 3.42 27.44 -22.88
CA ARG B 135 3.81 28.11 -24.12
C ARG B 135 4.93 29.14 -24.02
N GLY B 136 4.57 30.42 -23.96
CA GLY B 136 5.59 31.45 -23.93
C GLY B 136 6.20 31.82 -22.60
N THR B 137 6.08 33.08 -22.24
CA THR B 137 6.62 33.56 -20.99
C THR B 137 5.46 33.80 -20.04
N GLU B 138 5.74 33.71 -18.75
CA GLU B 138 4.74 33.92 -17.72
C GLU B 138 5.44 34.34 -16.43
N THR B 139 4.77 35.15 -15.62
CA THR B 139 5.36 35.64 -14.38
C THR B 139 4.77 34.93 -13.15
N CYS B 140 5.66 34.57 -12.22
CA CYS B 140 5.28 33.90 -10.98
C CYS B 140 5.80 34.74 -9.83
N GLY B 141 4.98 35.68 -9.36
CA GLY B 141 5.41 36.55 -8.29
C GLY B 141 6.39 37.56 -8.83
N LEU B 142 7.67 37.40 -8.48
CA LEU B 142 8.70 38.31 -8.93
C LEU B 142 9.49 37.75 -10.10
N ILE B 143 9.35 36.45 -10.33
CA ILE B 143 10.10 35.79 -11.41
C ILE B 143 9.31 35.62 -12.70
N GLN B 144 9.98 35.92 -13.81
CA GLN B 144 9.40 35.79 -15.14
C GLN B 144 10.04 34.54 -15.77
N VAL B 145 9.20 33.58 -16.18
CA VAL B 145 9.68 32.34 -16.76
C VAL B 145 9.28 32.15 -18.22
N THR B 146 10.27 31.88 -19.08
CA THR B 146 10.05 31.70 -20.51
C THR B 146 10.46 30.32 -21.03
N LEU B 147 9.49 29.56 -21.51
CA LEU B 147 9.79 28.24 -22.07
C LEU B 147 10.48 28.43 -23.41
N LEU B 148 11.69 27.89 -23.52
CA LEU B 148 12.46 28.01 -24.74
C LEU B 148 12.43 26.74 -25.55
N ASP B 149 12.61 25.61 -24.89
CA ASP B 149 12.67 24.35 -25.59
C ASP B 149 12.08 23.18 -24.79
N THR B 150 11.63 22.17 -25.51
CA THR B 150 11.08 20.96 -24.90
C THR B 150 11.49 19.74 -25.73
N VAL B 151 12.08 18.75 -25.07
CA VAL B 151 12.48 17.53 -25.74
C VAL B 151 11.88 16.37 -24.96
N GLU B 152 11.00 15.60 -25.61
CA GLU B 152 10.37 14.46 -24.95
C GLU B 152 10.93 13.16 -25.49
N LEU B 153 11.47 12.33 -24.61
CA LEU B 153 12.01 11.04 -25.01
C LEU B 153 11.20 9.98 -24.30
N ALA B 154 11.48 8.72 -24.60
CA ALA B 154 10.73 7.62 -24.02
C ALA B 154 10.52 7.65 -22.51
N THR B 155 11.55 8.00 -21.73
CA THR B 155 11.38 7.98 -20.28
C THR B 155 11.47 9.31 -19.52
N TYR B 156 11.64 10.42 -20.25
CA TYR B 156 11.71 11.71 -19.59
C TYR B 156 11.60 12.87 -20.57
N THR B 157 11.38 14.06 -20.02
CA THR B 157 11.24 15.28 -20.81
C THR B 157 12.22 16.34 -20.31
N VAL B 158 12.79 17.10 -21.24
CA VAL B 158 13.70 18.16 -20.89
C VAL B 158 13.12 19.48 -21.41
N ARG B 159 12.93 20.43 -20.50
CA ARG B 159 12.41 21.75 -20.84
C ARG B 159 13.47 22.78 -20.47
N THR B 160 13.77 23.68 -21.39
CA THR B 160 14.78 24.70 -21.13
C THR B 160 14.13 26.06 -21.00
N PHE B 161 14.34 26.72 -19.86
CA PHE B 161 13.76 28.04 -19.60
C PHE B 161 14.77 29.19 -19.51
N ALA B 162 14.24 30.40 -19.55
CA ALA B 162 15.01 31.63 -19.43
C ALA B 162 14.33 32.36 -18.28
N LEU B 163 15.11 32.78 -17.30
CA LEU B 163 14.57 33.48 -16.14
C LEU B 163 15.00 34.95 -16.06
N HIS B 164 14.01 35.80 -15.78
CA HIS B 164 14.24 37.24 -15.63
C HIS B 164 13.60 37.61 -14.30
N LYS B 165 14.36 38.30 -13.45
CA LYS B 165 13.84 38.68 -12.14
C LYS B 165 13.18 40.04 -12.11
N SER B 166 12.38 40.24 -11.06
CA SER B 166 11.64 41.46 -10.79
C SER B 166 12.03 42.68 -11.63
N GLY B 167 13.09 43.39 -11.22
CA GLY B 167 13.50 44.57 -11.95
C GLY B 167 14.98 44.65 -12.28
N SER B 168 15.59 43.49 -12.51
CA SER B 168 16.99 43.43 -12.88
C SER B 168 17.03 43.10 -14.36
N SER B 169 18.20 43.18 -14.96
CA SER B 169 18.30 42.86 -16.39
C SER B 169 18.77 41.42 -16.55
N GLU B 170 19.54 40.96 -15.58
CA GLU B 170 20.08 39.60 -15.59
C GLU B 170 19.07 38.54 -15.99
N LYS B 171 19.44 37.79 -17.03
CA LYS B 171 18.62 36.70 -17.55
C LYS B 171 19.37 35.42 -17.21
N ARG B 172 18.66 34.39 -16.75
CA ARG B 172 19.32 33.14 -16.40
C ARG B 172 18.74 31.98 -17.17
N GLU B 173 19.43 30.85 -17.14
CA GLU B 173 18.98 29.66 -17.82
C GLU B 173 18.61 28.58 -16.80
N LEU B 174 17.45 27.97 -17.00
CA LEU B 174 16.98 26.94 -16.09
C LEU B 174 16.49 25.77 -16.92
N ARG B 175 16.93 24.57 -16.56
CA ARG B 175 16.51 23.38 -17.25
C ARG B 175 15.80 22.47 -16.28
N GLN B 176 14.65 21.95 -16.71
CA GLN B 176 13.86 21.04 -15.90
C GLN B 176 13.86 19.64 -16.55
N PHE B 177 14.17 18.62 -15.77
CA PHE B 177 14.18 17.24 -16.27
C PHE B 177 13.04 16.51 -15.57
N GLN B 178 12.03 16.09 -16.32
CA GLN B 178 10.89 15.37 -15.73
C GLN B 178 10.92 13.89 -16.02
N PHE B 179 11.11 13.08 -14.98
CA PHE B 179 11.16 11.62 -15.16
C PHE B 179 9.73 11.14 -15.36
N MET B 180 9.48 10.54 -16.52
CA MET B 180 8.15 10.07 -16.86
C MET B 180 7.96 8.56 -16.75
N ALA B 181 8.96 7.87 -16.23
CA ALA B 181 8.87 6.42 -16.14
C ALA B 181 8.81 5.79 -14.76
N TRP B 182 8.17 6.46 -13.80
CA TRP B 182 8.02 5.88 -12.47
C TRP B 182 6.58 5.36 -12.49
N PRO B 183 6.35 4.11 -12.05
CA PRO B 183 4.99 3.55 -12.08
C PRO B 183 3.99 4.12 -11.08
N ASP B 184 2.71 3.98 -11.42
CA ASP B 184 1.63 4.44 -10.56
C ASP B 184 1.80 3.81 -9.18
N HIS B 185 1.89 2.49 -9.16
CA HIS B 185 2.07 1.76 -7.91
C HIS B 185 3.47 1.17 -7.81
N GLY B 186 4.05 1.23 -6.62
CA GLY B 186 5.37 0.69 -6.39
C GLY B 186 6.50 1.36 -7.14
N VAL B 187 7.71 0.83 -6.92
CA VAL B 187 8.93 1.33 -7.54
C VAL B 187 9.13 0.72 -8.94
N PRO B 188 10.07 1.29 -9.73
CA PRO B 188 10.30 0.76 -11.09
C PRO B 188 10.93 -0.64 -11.18
N GLU B 189 10.61 -1.34 -12.27
CA GLU B 189 11.10 -2.69 -12.56
C GLU B 189 12.62 -2.81 -12.50
N TYR B 190 13.32 -2.05 -13.35
CA TYR B 190 14.77 -2.07 -13.40
C TYR B 190 15.33 -0.67 -13.19
N PRO B 191 16.54 -0.56 -12.64
CA PRO B 191 17.15 0.75 -12.39
C PRO B 191 17.84 1.39 -13.60
N THR B 192 17.94 0.67 -14.71
CA THR B 192 18.61 1.18 -15.89
C THR B 192 18.08 2.51 -16.42
N PRO B 193 16.75 2.68 -16.50
CA PRO B 193 16.19 3.95 -17.00
C PRO B 193 16.41 5.15 -16.05
N ILE B 194 16.28 4.95 -14.75
CA ILE B 194 16.50 6.05 -13.82
C ILE B 194 18.00 6.32 -13.72
N LEU B 195 18.81 5.30 -13.96
CA LEU B 195 20.26 5.48 -13.89
C LEU B 195 20.70 6.35 -15.08
N ALA B 196 20.05 6.14 -16.23
CA ALA B 196 20.36 6.92 -17.43
C ALA B 196 19.91 8.37 -17.20
N PHE B 197 18.75 8.52 -16.55
CA PHE B 197 18.19 9.83 -16.24
C PHE B 197 19.14 10.65 -15.36
N LEU B 198 19.61 10.02 -14.28
CA LEU B 198 20.53 10.66 -13.35
C LEU B 198 21.78 11.12 -14.10
N ARG B 199 22.25 10.26 -14.99
CA ARG B 199 23.44 10.53 -15.79
C ARG B 199 23.24 11.78 -16.66
N ARG B 200 22.12 11.88 -17.36
CA ARG B 200 21.87 13.02 -18.22
C ARG B 200 21.77 14.32 -17.41
N VAL B 201 21.09 14.24 -16.27
CA VAL B 201 20.94 15.43 -15.41
C VAL B 201 22.33 15.92 -15.01
N LYS B 202 23.18 15.00 -14.57
CA LYS B 202 24.54 15.34 -14.14
C LYS B 202 25.38 16.00 -15.23
N ALA B 203 25.13 15.62 -16.49
CA ALA B 203 25.86 16.18 -17.62
C ALA B 203 25.35 17.56 -18.06
N CYS B 204 24.11 17.88 -17.72
CA CYS B 204 23.53 19.16 -18.11
C CYS B 204 23.59 20.21 -17.01
N ASN B 205 24.02 19.80 -15.83
CA ASN B 205 24.15 20.72 -14.69
C ASN B 205 25.50 21.44 -14.83
N PRO B 206 25.47 22.77 -15.04
CA PRO B 206 26.68 23.58 -15.19
C PRO B 206 27.59 23.59 -13.99
N LEU B 207 28.86 23.95 -14.21
CA LEU B 207 29.86 23.99 -13.14
C LEU B 207 29.55 24.97 -12.01
N ASP B 208 28.97 26.12 -12.34
CA ASP B 208 28.68 27.12 -11.32
C ASP B 208 27.24 27.17 -10.86
N ALA B 209 26.51 26.09 -11.08
CA ALA B 209 25.11 26.03 -10.69
C ALA B 209 24.92 25.98 -9.18
N GLY B 210 23.82 26.56 -8.69
CA GLY B 210 23.53 26.51 -7.27
C GLY B 210 23.01 25.11 -7.02
N PRO B 211 22.50 24.79 -5.82
CA PRO B 211 22.01 23.43 -5.62
C PRO B 211 20.83 23.03 -6.54
N MET B 212 20.73 21.74 -6.86
CA MET B 212 19.65 21.27 -7.71
C MET B 212 18.39 21.22 -6.87
N VAL B 213 17.26 21.66 -7.43
CA VAL B 213 15.99 21.62 -6.72
C VAL B 213 15.26 20.36 -7.18
N VAL B 214 15.16 19.38 -6.31
CA VAL B 214 14.51 18.11 -6.62
C VAL B 214 13.15 18.02 -5.93
N HIS B 215 12.15 17.50 -6.65
CA HIS B 215 10.80 17.36 -6.07
C HIS B 215 9.93 16.29 -6.73
N CYS B 216 8.85 15.94 -6.04
CA CYS B 216 7.86 14.99 -6.54
C CYS B 216 6.52 15.55 -6.08
N SER B 217 5.81 14.83 -5.20
CA SER B 217 4.55 15.36 -4.71
C SER B 217 4.77 15.91 -3.31
N ALA B 218 5.24 15.05 -2.40
CA ALA B 218 5.49 15.48 -1.02
C ALA B 218 6.97 15.86 -0.79
N GLY B 219 7.81 15.55 -1.76
CA GLY B 219 9.22 15.88 -1.64
C GLY B 219 10.07 15.00 -0.72
N VAL B 220 9.70 13.73 -0.57
CA VAL B 220 10.45 12.83 0.30
C VAL B 220 10.71 11.43 -0.30
N GLY B 221 9.71 10.89 -1.00
CA GLY B 221 9.84 9.56 -1.60
C GLY B 221 10.74 9.44 -2.81
N ARG B 222 10.19 9.74 -3.99
CA ARG B 222 10.97 9.66 -5.22
C ARG B 222 12.13 10.66 -5.14
N THR B 223 11.87 11.83 -4.55
CA THR B 223 12.88 12.87 -4.39
C THR B 223 14.06 12.32 -3.61
N GLY B 224 13.77 11.60 -2.53
CA GLY B 224 14.82 11.02 -1.69
C GLY B 224 15.61 9.93 -2.41
N CYS B 225 14.92 9.16 -3.26
CA CYS B 225 15.57 8.11 -4.00
C CYS B 225 16.58 8.69 -5.00
N PHE B 226 16.17 9.70 -5.75
CA PHE B 226 17.08 10.30 -6.73
C PHE B 226 18.32 10.92 -6.09
N ILE B 227 18.14 11.56 -4.94
CA ILE B 227 19.26 12.22 -4.27
C ILE B 227 20.28 11.25 -3.67
N VAL B 228 19.80 10.22 -2.95
CA VAL B 228 20.69 9.26 -2.35
C VAL B 228 21.47 8.53 -3.46
N ILE B 229 20.76 7.99 -4.45
CA ILE B 229 21.42 7.31 -5.56
C ILE B 229 22.44 8.25 -6.20
N ASP B 230 22.05 9.50 -6.46
CA ASP B 230 22.95 10.45 -7.08
C ASP B 230 24.20 10.72 -6.26
N ALA B 231 24.03 10.95 -4.96
CA ALA B 231 25.18 11.22 -4.08
C ALA B 231 26.07 9.96 -3.96
N MET B 232 25.44 8.80 -3.89
CA MET B 232 26.17 7.53 -3.78
C MET B 232 26.85 7.17 -5.10
N LEU B 233 26.32 7.68 -6.19
CA LEU B 233 26.91 7.43 -7.50
C LEU B 233 28.22 8.21 -7.47
N GLU B 234 28.16 9.42 -6.93
CA GLU B 234 29.35 10.28 -6.84
C GLU B 234 30.40 9.67 -5.92
N ARG B 235 29.95 9.03 -4.85
CA ARG B 235 30.86 8.42 -3.89
C ARG B 235 31.59 7.20 -4.44
N MET B 236 30.85 6.23 -4.96
CA MET B 236 31.50 5.04 -5.50
C MET B 236 32.43 5.34 -6.65
N LYS B 237 32.43 6.58 -7.12
CA LYS B 237 33.30 6.99 -8.22
C LYS B 237 34.50 7.78 -7.73
N HIS B 238 34.70 7.79 -6.42
CA HIS B 238 35.82 8.52 -5.84
C HIS B 238 36.50 7.66 -4.80
N GLU B 239 35.76 6.72 -4.23
CA GLU B 239 36.29 5.87 -3.18
C GLU B 239 35.56 4.54 -3.12
N LYS B 240 35.17 4.03 -4.29
CA LYS B 240 34.45 2.77 -4.40
C LYS B 240 33.96 2.26 -3.05
N THR B 241 32.90 2.90 -2.55
CA THR B 241 32.26 2.55 -1.28
C THR B 241 30.77 2.84 -1.46
N VAL B 242 30.03 2.91 -0.35
CA VAL B 242 28.61 3.20 -0.42
C VAL B 242 27.94 2.96 0.92
N ASP B 243 27.31 4.01 1.46
CA ASP B 243 26.63 3.92 2.74
C ASP B 243 25.16 4.29 2.58
N ILE B 244 24.43 3.47 1.84
CA ILE B 244 23.02 3.72 1.62
C ILE B 244 22.38 4.00 2.99
N TYR B 245 22.63 3.12 3.95
CA TYR B 245 22.10 3.26 5.30
C TYR B 245 22.57 4.56 5.96
N GLY B 246 23.85 4.87 5.83
CA GLY B 246 24.36 6.08 6.42
C GLY B 246 23.67 7.32 5.90
N HIS B 247 23.55 7.40 4.56
CA HIS B 247 22.92 8.55 3.92
C HIS B 247 21.41 8.64 4.10
N VAL B 248 20.71 7.53 3.87
CA VAL B 248 19.26 7.53 4.03
C VAL B 248 18.93 7.90 5.48
N THR B 249 19.97 7.90 6.32
CA THR B 249 19.84 8.24 7.74
C THR B 249 20.07 9.73 7.94
N CYS B 250 21.15 10.24 7.35
CA CYS B 250 21.48 11.65 7.48
C CYS B 250 20.51 12.55 6.70
N MET B 251 19.69 11.94 5.86
CA MET B 251 18.70 12.69 5.09
C MET B 251 17.46 12.83 5.98
N ARG B 252 16.99 11.69 6.49
CA ARG B 252 15.84 11.65 7.38
C ARG B 252 16.04 12.70 8.47
N SER B 253 17.30 13.09 8.65
CA SER B 253 17.66 14.08 9.63
C SER B 253 17.22 15.47 9.19
N GLN B 254 17.71 15.89 8.02
CA GLN B 254 17.40 17.21 7.49
C GLN B 254 15.97 17.37 6.96
N ARG B 255 15.33 16.26 6.60
CA ARG B 255 13.97 16.33 6.09
C ARG B 255 13.18 15.10 6.48
N ASN B 256 11.89 15.31 6.71
CA ASN B 256 10.93 14.29 7.10
C ASN B 256 11.26 12.83 6.83
N TYR B 257 10.48 12.19 5.97
CA TYR B 257 10.70 10.78 5.69
C TYR B 257 11.41 10.50 4.37
N MET B 258 12.61 11.06 4.21
CA MET B 258 13.38 10.84 2.99
C MET B 258 13.46 9.33 2.73
N VAL B 259 12.96 8.89 1.59
CA VAL B 259 12.91 7.47 1.25
C VAL B 259 11.86 6.93 2.22
N GLN B 260 10.60 7.28 1.98
CA GLN B 260 9.51 6.90 2.86
C GLN B 260 8.95 5.48 2.79
N THR B 261 9.60 4.58 2.06
CA THR B 261 9.12 3.20 2.00
C THR B 261 10.25 2.21 1.80
N GLU B 262 10.26 1.16 2.62
CA GLU B 262 11.30 0.12 2.55
C GLU B 262 11.43 -0.42 1.13
N ASP B 263 10.32 -0.39 0.38
CA ASP B 263 10.25 -0.87 -0.99
C ASP B 263 11.08 0.04 -1.90
N GLN B 264 11.35 1.26 -1.44
CA GLN B 264 12.15 2.25 -2.17
C GLN B 264 13.61 2.07 -1.79
N TYR B 265 13.86 1.88 -0.49
CA TYR B 265 15.19 1.68 0.05
C TYR B 265 15.80 0.50 -0.71
N VAL B 266 14.96 -0.48 -1.03
CA VAL B 266 15.38 -1.67 -1.76
C VAL B 266 15.83 -1.27 -3.16
N PHE B 267 14.96 -0.58 -3.88
CA PHE B 267 15.23 -0.11 -5.24
C PHE B 267 16.55 0.65 -5.32
N ILE B 268 16.88 1.40 -4.27
CA ILE B 268 18.10 2.18 -4.21
C ILE B 268 19.32 1.27 -4.16
N HIS B 269 19.14 0.09 -3.56
CA HIS B 269 20.22 -0.87 -3.46
C HIS B 269 20.37 -1.54 -4.82
N GLU B 270 19.26 -2.04 -5.33
CA GLU B 270 19.20 -2.69 -6.63
C GLU B 270 19.85 -1.80 -7.67
N ALA B 271 19.46 -0.52 -7.66
CA ALA B 271 19.97 0.46 -8.61
C ALA B 271 21.46 0.72 -8.53
N LEU B 272 21.96 0.94 -7.32
CA LEU B 272 23.38 1.20 -7.17
C LEU B 272 24.22 -0.04 -7.45
N LEU B 273 23.59 -1.21 -7.48
CA LEU B 273 24.33 -2.44 -7.77
C LEU B 273 24.55 -2.51 -9.29
N GLU B 274 23.53 -2.14 -10.05
CA GLU B 274 23.65 -2.13 -11.49
C GLU B 274 24.75 -1.16 -11.86
N ALA B 275 24.74 0.01 -11.23
CA ALA B 275 25.75 1.03 -11.49
C ALA B 275 27.19 0.55 -11.20
N ALA B 276 27.32 -0.30 -10.19
CA ALA B 276 28.62 -0.83 -9.79
C ALA B 276 29.06 -1.99 -10.67
N THR B 277 28.09 -2.73 -11.20
CA THR B 277 28.39 -3.87 -12.06
C THR B 277 28.63 -3.51 -13.52
N CYS B 278 27.84 -2.59 -14.06
CA CYS B 278 27.98 -2.21 -15.46
C CYS B 278 28.87 -1.01 -15.71
N GLY B 279 28.91 -0.07 -14.77
CA GLY B 279 29.71 1.12 -14.97
C GLY B 279 29.11 1.93 -16.11
N HIS B 280 29.66 3.10 -16.40
CA HIS B 280 29.14 3.90 -17.50
C HIS B 280 29.82 3.42 -18.80
N THR B 281 29.04 2.75 -19.64
CA THR B 281 29.53 2.19 -20.89
C THR B 281 29.33 3.09 -22.10
N GLU B 282 29.08 4.37 -21.85
CA GLU B 282 28.85 5.33 -22.92
C GLU B 282 30.10 6.04 -23.41
N VAL B 283 30.22 6.24 -24.73
CA VAL B 283 31.36 6.92 -25.32
C VAL B 283 30.94 7.99 -26.32
N PRO B 284 31.76 9.05 -26.47
CA PRO B 284 31.42 10.11 -27.41
C PRO B 284 31.55 9.64 -28.86
N ALA B 285 30.71 10.18 -29.73
CA ALA B 285 30.74 9.81 -31.14
C ALA B 285 32.12 10.04 -31.72
N ARG B 286 32.90 10.88 -31.03
CA ARG B 286 34.26 11.23 -31.46
C ARG B 286 35.28 10.15 -31.14
N ASN B 287 35.05 9.42 -30.04
CA ASN B 287 35.97 8.37 -29.62
C ASN B 287 35.45 7.00 -29.99
N LEU B 288 34.48 6.96 -30.89
CA LEU B 288 33.88 5.71 -31.35
C LEU B 288 34.89 4.81 -32.03
N TYR B 289 35.64 5.35 -32.98
CA TYR B 289 36.64 4.55 -33.69
C TYR B 289 37.65 3.94 -32.72
N ALA B 290 38.10 4.74 -31.76
CA ALA B 290 39.06 4.31 -30.76
C ALA B 290 38.49 3.21 -29.88
N HIS B 291 37.24 3.40 -29.48
CA HIS B 291 36.53 2.45 -28.64
C HIS B 291 36.49 1.07 -29.28
N ILE B 292 35.93 1.01 -30.49
CA ILE B 292 35.83 -0.26 -31.20
C ILE B 292 37.21 -0.87 -31.33
N GLN B 293 38.17 -0.05 -31.76
CA GLN B 293 39.55 -0.49 -31.92
C GLN B 293 40.02 -1.24 -30.67
N LYS B 294 39.81 -0.64 -29.50
CA LYS B 294 40.22 -1.24 -28.24
C LYS B 294 39.41 -2.47 -27.82
N LEU B 295 38.13 -2.51 -28.19
CA LEU B 295 37.26 -3.64 -27.85
C LEU B 295 37.74 -4.93 -28.49
N GLY B 296 38.54 -4.78 -29.55
CA GLY B 296 39.06 -5.94 -30.23
C GLY B 296 40.30 -6.51 -29.58
N GLN B 297 40.79 -5.89 -28.51
CA GLN B 297 41.98 -6.37 -27.82
C GLN B 297 41.68 -7.00 -26.46
N VAL B 298 42.60 -7.84 -25.97
CA VAL B 298 42.43 -8.51 -24.67
C VAL B 298 42.84 -7.62 -23.50
N PRO B 299 41.95 -7.50 -22.50
CA PRO B 299 42.27 -6.67 -21.32
C PRO B 299 43.24 -7.41 -20.39
N PRO B 300 44.00 -6.66 -19.56
CA PRO B 300 44.98 -7.20 -18.61
C PRO B 300 44.76 -8.63 -18.12
N GLY B 301 44.20 -8.78 -16.92
CA GLY B 301 43.97 -10.10 -16.37
C GLY B 301 42.84 -10.86 -17.03
N GLU B 302 42.79 -10.85 -18.37
CA GLU B 302 41.76 -11.55 -19.12
C GLU B 302 42.35 -12.47 -20.19
N SER B 303 41.49 -13.34 -20.73
CA SER B 303 41.92 -14.30 -21.74
C SER B 303 41.36 -14.03 -23.13
N VAL B 304 40.19 -13.39 -23.21
CA VAL B 304 39.59 -13.11 -24.51
C VAL B 304 39.44 -11.61 -24.78
N THR B 305 38.84 -11.32 -25.93
CA THR B 305 38.62 -9.94 -26.39
C THR B 305 37.60 -9.17 -25.54
N ALA B 306 37.81 -7.86 -25.43
CA ALA B 306 36.93 -6.98 -24.65
C ALA B 306 35.50 -7.00 -25.19
N MET B 307 35.39 -7.07 -26.51
CA MET B 307 34.09 -7.10 -27.19
C MET B 307 33.31 -8.35 -26.80
N GLU B 308 33.97 -9.49 -26.84
CA GLU B 308 33.33 -10.75 -26.49
C GLU B 308 32.93 -10.75 -25.03
N LEU B 309 33.74 -10.09 -24.21
CA LEU B 309 33.47 -10.00 -22.78
C LEU B 309 32.27 -9.09 -22.52
N GLU B 310 32.26 -7.95 -23.20
CA GLU B 310 31.18 -6.97 -23.06
C GLU B 310 29.84 -7.58 -23.43
N PHE B 311 29.83 -8.33 -24.53
CA PHE B 311 28.62 -8.99 -25.01
C PHE B 311 28.18 -10.06 -24.02
N LYS B 312 29.13 -10.77 -23.44
CA LYS B 312 28.82 -11.82 -22.47
C LYS B 312 28.20 -11.19 -21.23
N LEU B 313 28.56 -9.94 -20.97
CA LEU B 313 28.04 -9.21 -19.82
C LEU B 313 26.54 -8.89 -19.97
N LEU B 314 26.04 -8.91 -21.20
CA LEU B 314 24.63 -8.60 -21.45
C LEU B 314 23.76 -9.76 -20.99
N ALA B 315 24.35 -10.96 -20.93
CA ALA B 315 23.63 -12.14 -20.48
C ALA B 315 23.84 -12.22 -18.98
N SER B 316 25.09 -11.96 -18.58
CA SER B 316 25.50 -11.97 -17.17
C SER B 316 25.18 -10.63 -16.53
N SER B 317 23.89 -10.33 -16.45
CA SER B 317 23.42 -9.09 -15.85
C SER B 317 22.10 -9.41 -15.13
N SER B 322 11.63 -16.04 -16.26
CA SER B 322 10.88 -17.25 -15.82
C SER B 322 9.38 -17.06 -16.09
N ARG B 323 9.00 -15.81 -16.29
CA ARG B 323 7.61 -15.43 -16.56
C ARG B 323 7.21 -15.72 -18.01
N PHE B 324 7.02 -16.99 -18.35
CA PHE B 324 6.64 -17.34 -19.71
C PHE B 324 5.41 -18.23 -19.70
N ILE B 325 4.45 -17.88 -18.86
CA ILE B 325 3.21 -18.64 -18.70
C ILE B 325 2.39 -18.81 -19.99
N SER B 326 1.94 -17.69 -20.55
CA SER B 326 1.14 -17.74 -21.77
C SER B 326 1.83 -18.49 -22.91
N ALA B 327 3.09 -18.14 -23.17
CA ALA B 327 3.86 -18.75 -24.24
C ALA B 327 3.97 -20.25 -24.11
N ASN B 328 3.96 -20.71 -22.87
CA ASN B 328 4.09 -22.14 -22.58
C ASN B 328 2.82 -22.97 -22.47
N LEU B 329 1.66 -22.34 -22.55
CA LEU B 329 0.40 -23.08 -22.45
C LEU B 329 0.26 -24.06 -23.62
N PRO B 330 -0.28 -25.25 -23.34
CA PRO B 330 -0.48 -26.31 -24.34
C PRO B 330 -1.21 -25.83 -25.60
N CYS B 331 -2.17 -24.92 -25.45
CA CYS B 331 -2.92 -24.43 -26.61
C CYS B 331 -2.12 -23.50 -27.53
N ASN B 332 -0.96 -23.05 -27.06
CA ASN B 332 -0.13 -22.13 -27.83
C ASN B 332 1.14 -22.79 -28.35
N LYS B 333 1.27 -24.09 -28.11
CA LYS B 333 2.44 -24.87 -28.51
C LYS B 333 2.89 -24.67 -29.97
N PHE B 334 1.96 -24.75 -30.91
CA PHE B 334 2.28 -24.59 -32.31
C PHE B 334 2.13 -23.15 -32.81
N LYS B 335 2.13 -22.22 -31.87
CA LYS B 335 2.03 -20.80 -32.18
C LYS B 335 3.40 -20.15 -32.05
N ASN B 336 4.39 -20.94 -31.62
CA ASN B 336 5.76 -20.47 -31.46
C ASN B 336 6.64 -21.13 -32.54
N ARG B 337 7.43 -20.33 -33.25
CA ARG B 337 8.30 -20.85 -34.33
C ARG B 337 9.55 -21.53 -33.78
N LEU B 338 10.32 -20.78 -33.00
CA LEU B 338 11.53 -21.27 -32.37
C LEU B 338 11.25 -21.12 -30.87
N VAL B 339 10.96 -22.25 -30.21
CA VAL B 339 10.58 -22.28 -28.80
C VAL B 339 11.58 -21.80 -27.75
N ASN B 340 12.82 -21.52 -28.12
CA ASN B 340 13.78 -21.02 -27.15
C ASN B 340 13.52 -19.52 -26.92
N ILE B 341 12.74 -18.92 -27.82
CA ILE B 341 12.39 -17.50 -27.71
C ILE B 341 10.88 -17.33 -27.46
N MET B 342 10.55 -16.82 -26.27
CA MET B 342 9.17 -16.58 -25.87
C MET B 342 9.06 -15.22 -25.18
N PRO B 343 7.92 -14.54 -25.35
CA PRO B 343 7.76 -13.21 -24.71
C PRO B 343 7.54 -13.20 -23.20
N TYR B 344 8.14 -12.22 -22.54
CA TYR B 344 7.97 -12.02 -21.10
C TYR B 344 6.51 -11.61 -20.94
N GLU B 345 5.89 -11.95 -19.81
CA GLU B 345 4.48 -11.60 -19.61
C GLU B 345 4.20 -10.11 -19.62
N LEU B 346 5.02 -9.35 -18.89
CA LEU B 346 4.85 -7.90 -18.76
C LEU B 346 4.83 -7.09 -20.05
N THR B 347 5.57 -7.53 -21.05
CA THR B 347 5.65 -6.76 -22.29
C THR B 347 5.10 -7.45 -23.53
N ARG B 348 4.46 -8.60 -23.37
CA ARG B 348 3.93 -9.32 -24.53
C ARG B 348 2.76 -8.58 -25.14
N VAL B 349 2.65 -8.66 -26.47
CA VAL B 349 1.56 -8.03 -27.20
C VAL B 349 0.27 -8.86 -27.03
N CYS B 350 -0.67 -8.34 -26.27
CA CYS B 350 -1.93 -9.04 -26.04
C CYS B 350 -2.99 -8.76 -27.09
N LEU B 351 -3.79 -9.78 -27.41
CA LEU B 351 -4.85 -9.63 -28.40
C LEU B 351 -6.24 -9.87 -27.77
N GLN B 352 -7.27 -9.29 -28.37
CA GLN B 352 -8.63 -9.45 -27.88
C GLN B 352 -9.04 -10.88 -28.14
N PRO B 353 -9.31 -11.65 -27.09
CA PRO B 353 -9.69 -13.06 -27.28
C PRO B 353 -10.92 -13.27 -28.17
N ILE B 354 -11.07 -14.49 -28.68
CA ILE B 354 -12.20 -14.86 -29.53
C ILE B 354 -12.89 -16.10 -28.97
N ARG B 355 -14.21 -16.02 -28.78
CA ARG B 355 -14.96 -17.14 -28.25
C ARG B 355 -14.64 -18.40 -29.04
N GLY B 356 -14.44 -19.52 -28.35
CA GLY B 356 -14.17 -20.77 -29.04
C GLY B 356 -12.74 -21.01 -29.51
N VAL B 357 -11.87 -20.01 -29.40
CA VAL B 357 -10.48 -20.16 -29.83
C VAL B 357 -9.54 -20.05 -28.64
N GLU B 358 -9.05 -21.19 -28.18
CA GLU B 358 -8.16 -21.25 -27.02
C GLU B 358 -6.85 -20.46 -27.15
N GLY B 359 -6.60 -19.62 -26.15
CA GLY B 359 -5.40 -18.80 -26.14
C GLY B 359 -5.39 -17.75 -27.24
N SER B 360 -6.57 -17.30 -27.68
CA SER B 360 -6.66 -16.32 -28.74
C SER B 360 -6.14 -14.94 -28.37
N ASP B 361 -5.69 -14.79 -27.14
CA ASP B 361 -5.14 -13.52 -26.68
C ASP B 361 -3.61 -13.54 -26.86
N TYR B 362 -3.09 -14.65 -27.38
CA TYR B 362 -1.64 -14.82 -27.55
C TYR B 362 -1.02 -14.75 -28.94
N ILE B 363 0.16 -14.14 -28.99
CA ILE B 363 0.99 -14.05 -30.19
C ILE B 363 2.42 -13.90 -29.65
N ASN B 364 3.39 -14.56 -30.28
CA ASN B 364 4.78 -14.45 -29.84
C ASN B 364 5.32 -13.11 -30.34
N ALA B 365 5.12 -12.07 -29.53
CA ALA B 365 5.52 -10.72 -29.85
C ALA B 365 5.66 -9.89 -28.59
N SER B 366 6.52 -8.87 -28.63
CA SER B 366 6.73 -8.00 -27.47
C SER B 366 6.80 -6.53 -27.86
N PHE B 367 6.41 -5.66 -26.92
CA PHE B 367 6.47 -4.22 -27.12
C PHE B 367 7.86 -3.74 -26.69
N LEU B 368 8.55 -2.98 -27.53
CA LEU B 368 9.86 -2.47 -27.19
C LEU B 368 9.88 -0.96 -27.27
N ASP B 369 10.53 -0.33 -26.29
CA ASP B 369 10.63 1.12 -26.24
C ASP B 369 11.66 1.64 -27.23
N GLY B 370 11.34 2.76 -27.88
CA GLY B 370 12.25 3.37 -28.81
C GLY B 370 12.94 4.54 -28.13
N TYR B 371 13.62 5.38 -28.90
CA TYR B 371 14.33 6.53 -28.37
C TYR B 371 13.41 7.65 -27.85
N ARG B 372 12.43 8.04 -28.66
CA ARG B 372 11.53 9.11 -28.27
C ARG B 372 10.22 8.67 -27.65
N GLN B 373 9.79 7.46 -27.94
CA GLN B 373 8.51 7.01 -27.40
C GLN B 373 8.51 5.56 -26.91
N GLN B 374 7.71 5.31 -25.88
CA GLN B 374 7.60 3.97 -25.36
C GLN B 374 6.76 3.14 -26.31
N LYS B 375 6.97 1.84 -26.31
CA LYS B 375 6.23 0.91 -27.17
C LYS B 375 6.27 1.38 -28.63
N ALA B 376 7.45 1.80 -29.07
CA ALA B 376 7.66 2.28 -30.43
C ALA B 376 7.82 1.13 -31.41
N TYR B 377 8.06 -0.06 -30.88
CA TYR B 377 8.23 -1.23 -31.72
C TYR B 377 7.55 -2.47 -31.16
N ILE B 378 7.31 -3.43 -32.05
CA ILE B 378 6.79 -4.74 -31.70
C ILE B 378 7.79 -5.69 -32.36
N ALA B 379 8.52 -6.44 -31.54
CA ALA B 379 9.48 -7.42 -32.05
C ALA B 379 8.75 -8.75 -32.01
N THR B 380 8.66 -9.42 -33.16
CA THR B 380 7.95 -10.67 -33.22
C THR B 380 8.65 -11.65 -34.18
N GLN B 381 8.31 -12.93 -34.05
CA GLN B 381 8.87 -13.97 -34.89
C GLN B 381 8.28 -13.89 -36.29
N GLY B 382 8.88 -14.58 -37.25
CA GLY B 382 8.33 -14.56 -38.58
C GLY B 382 7.04 -15.34 -38.52
N PRO B 383 5.91 -14.74 -38.91
CA PRO B 383 4.62 -15.45 -38.87
C PRO B 383 4.63 -16.87 -39.42
N LEU B 384 3.83 -17.72 -38.79
CA LEU B 384 3.69 -19.11 -39.18
C LEU B 384 2.36 -19.19 -39.90
N ALA B 385 2.15 -20.28 -40.63
CA ALA B 385 0.89 -20.48 -41.32
C ALA B 385 -0.20 -20.47 -40.24
N GLU B 386 0.14 -21.04 -39.08
CA GLU B 386 -0.76 -21.14 -37.93
C GLU B 386 -1.03 -19.83 -37.18
N SER B 387 -0.21 -18.81 -37.40
CA SER B 387 -0.42 -17.55 -36.69
C SER B 387 -0.57 -16.34 -37.60
N THR B 388 -0.81 -16.60 -38.88
CA THR B 388 -0.96 -15.52 -39.85
C THR B 388 -2.17 -14.64 -39.55
N GLU B 389 -3.30 -15.27 -39.24
CA GLU B 389 -4.51 -14.54 -38.89
C GLU B 389 -4.22 -13.68 -37.65
N ASP B 390 -3.59 -14.29 -36.65
CA ASP B 390 -3.23 -13.61 -35.41
C ASP B 390 -2.35 -12.39 -35.69
N PHE B 391 -1.46 -12.53 -36.67
CA PHE B 391 -0.55 -11.46 -37.03
C PHE B 391 -1.27 -10.24 -37.56
N TRP B 392 -2.28 -10.45 -38.41
CA TRP B 392 -3.02 -9.31 -38.95
C TRP B 392 -3.90 -8.69 -37.87
N ARG B 393 -4.44 -9.52 -36.97
CA ARG B 393 -5.26 -9.03 -35.86
C ARG B 393 -4.41 -8.07 -35.02
N MET B 394 -3.18 -8.50 -34.75
CA MET B 394 -2.26 -7.69 -33.95
C MET B 394 -1.99 -6.33 -34.58
N LEU B 395 -1.68 -6.31 -35.87
CA LEU B 395 -1.39 -5.05 -36.56
C LEU B 395 -2.57 -4.06 -36.43
N TRP B 396 -3.78 -4.55 -36.70
CA TRP B 396 -4.95 -3.69 -36.63
C TRP B 396 -5.23 -3.23 -35.19
N GLU B 397 -5.34 -4.18 -34.27
CA GLU B 397 -5.62 -3.89 -32.88
C GLU B 397 -4.61 -2.92 -32.27
N HIS B 398 -3.35 -3.00 -32.68
CA HIS B 398 -2.33 -2.15 -32.11
C HIS B 398 -1.86 -0.98 -32.97
N ASN B 399 -2.60 -0.72 -34.03
CA ASN B 399 -2.33 0.38 -34.94
C ASN B 399 -0.96 0.45 -35.60
N SER B 400 -0.47 -0.70 -36.02
CA SER B 400 0.83 -0.77 -36.66
C SER B 400 0.59 -0.83 -38.17
N THR B 401 1.09 0.16 -38.90
CA THR B 401 0.90 0.17 -40.34
C THR B 401 2.24 0.12 -41.06
N ILE B 402 3.29 -0.22 -40.31
CA ILE B 402 4.63 -0.35 -40.86
C ILE B 402 5.24 -1.70 -40.42
N ILE B 403 5.53 -2.55 -41.40
CA ILE B 403 6.13 -3.85 -41.11
C ILE B 403 7.55 -3.93 -41.69
N VAL B 404 8.44 -4.51 -40.90
CA VAL B 404 9.82 -4.69 -41.32
C VAL B 404 10.12 -6.20 -41.26
N MET B 405 10.41 -6.78 -42.42
CA MET B 405 10.78 -8.19 -42.57
C MET B 405 12.30 -8.25 -42.79
N LEU B 406 13.01 -9.05 -41.99
CA LEU B 406 14.47 -9.11 -42.09
C LEU B 406 15.06 -10.42 -42.63
N THR B 407 14.25 -11.21 -43.32
CA THR B 407 14.70 -12.47 -43.89
C THR B 407 14.02 -12.66 -45.24
N LYS B 408 14.44 -13.70 -45.96
CA LYS B 408 13.79 -14.04 -47.22
C LYS B 408 12.75 -15.01 -46.67
N LEU B 409 11.76 -15.41 -47.48
CA LEU B 409 10.76 -16.36 -46.99
C LEU B 409 11.44 -17.67 -46.58
N ARG B 410 12.47 -18.07 -47.35
CA ARG B 410 13.23 -19.30 -47.09
C ARG B 410 14.74 -19.06 -47.17
N GLU B 411 15.50 -19.75 -46.32
CA GLU B 411 16.96 -19.62 -46.30
C GLU B 411 17.59 -20.95 -45.88
N MET B 412 18.79 -21.25 -46.39
CA MET B 412 19.48 -22.49 -46.03
C MET B 412 18.63 -23.75 -46.21
N GLY B 413 17.71 -23.71 -47.17
CA GLY B 413 16.85 -24.86 -47.42
C GLY B 413 15.69 -25.06 -46.46
N ARG B 414 15.34 -24.02 -45.70
CA ARG B 414 14.23 -24.12 -44.75
C ARG B 414 13.49 -22.79 -44.61
N GLU B 415 12.27 -22.88 -44.08
CA GLU B 415 11.44 -21.69 -43.90
C GLU B 415 11.87 -20.79 -42.75
N LYS B 416 11.92 -19.49 -43.03
CA LYS B 416 12.25 -18.48 -42.02
C LYS B 416 10.95 -17.73 -41.72
N CYS B 417 10.08 -17.66 -42.71
CA CYS B 417 8.81 -16.95 -42.59
C CYS B 417 7.77 -17.53 -43.55
N HIS B 418 6.53 -17.58 -43.11
CA HIS B 418 5.45 -18.05 -43.98
C HIS B 418 4.98 -16.83 -44.76
N GLN B 419 4.51 -17.01 -45.99
CA GLN B 419 4.03 -15.87 -46.75
C GLN B 419 2.63 -15.52 -46.28
N TYR B 420 2.58 -14.64 -45.28
CA TYR B 420 1.34 -14.20 -44.65
C TYR B 420 0.57 -13.13 -45.40
N TRP B 421 1.11 -12.72 -46.54
CA TRP B 421 0.48 -11.67 -47.32
C TRP B 421 0.10 -12.17 -48.71
N PRO B 422 -0.84 -11.47 -49.37
CA PRO B 422 -1.30 -11.83 -50.73
C PRO B 422 -0.38 -11.23 -51.79
N ALA B 423 -0.16 -11.95 -52.88
CA ALA B 423 0.69 -11.44 -53.92
C ALA B 423 -0.11 -10.94 -55.11
N GLU B 424 -1.08 -11.74 -55.54
CA GLU B 424 -1.92 -11.42 -56.67
C GLU B 424 -3.29 -10.90 -56.30
N ARG B 425 -4.14 -11.79 -55.80
CA ARG B 425 -5.50 -11.43 -55.43
C ARG B 425 -5.62 -11.08 -53.96
N SER B 426 -6.66 -10.32 -53.64
CA SER B 426 -6.92 -9.92 -52.27
C SER B 426 -7.27 -11.16 -51.46
N ALA B 427 -7.10 -11.07 -50.15
CA ALA B 427 -7.41 -12.20 -49.27
C ALA B 427 -7.93 -11.62 -47.96
N ARG B 428 -8.69 -12.43 -47.23
CA ARG B 428 -9.23 -11.99 -45.94
C ARG B 428 -8.64 -12.79 -44.80
N TYR B 429 -8.15 -12.08 -43.79
CA TYR B 429 -7.58 -12.70 -42.61
C TYR B 429 -8.47 -12.16 -41.47
N GLN B 430 -9.27 -13.06 -40.90
CA GLN B 430 -10.23 -12.70 -39.85
C GLN B 430 -11.23 -11.72 -40.45
N TYR B 431 -11.28 -10.48 -39.95
CA TYR B 431 -12.20 -9.46 -40.45
C TYR B 431 -11.57 -8.54 -41.49
N PHE B 432 -10.28 -8.72 -41.72
CA PHE B 432 -9.56 -7.83 -42.63
C PHE B 432 -9.23 -8.32 -44.01
N VAL B 433 -9.71 -7.56 -45.00
CA VAL B 433 -9.46 -7.88 -46.40
C VAL B 433 -8.20 -7.14 -46.84
N VAL B 434 -7.18 -7.87 -47.26
CA VAL B 434 -5.95 -7.24 -47.70
C VAL B 434 -5.79 -7.27 -49.22
N ASP B 435 -5.69 -6.08 -49.83
CA ASP B 435 -5.50 -5.96 -51.27
C ASP B 435 -4.08 -5.56 -51.58
N PRO B 436 -3.37 -6.39 -52.38
CA PRO B 436 -1.98 -6.05 -52.72
C PRO B 436 -2.06 -4.88 -53.70
N MET B 437 -1.42 -3.76 -53.37
CA MET B 437 -1.50 -2.58 -54.22
C MET B 437 -0.26 -2.25 -55.03
N ALA B 438 0.91 -2.64 -54.54
CA ALA B 438 2.17 -2.35 -55.22
C ALA B 438 3.33 -3.11 -54.59
N GLU B 439 4.34 -3.43 -55.39
CA GLU B 439 5.52 -4.13 -54.93
C GLU B 439 6.73 -3.59 -55.68
N TYR B 440 7.72 -3.08 -54.95
CA TYR B 440 8.92 -2.56 -55.57
C TYR B 440 10.11 -3.40 -55.13
N ASN B 441 10.70 -4.11 -56.10
CA ASN B 441 11.86 -4.98 -55.89
C ASN B 441 13.15 -4.22 -56.22
N MET B 442 13.92 -3.94 -55.18
CA MET B 442 15.17 -3.21 -55.33
C MET B 442 16.35 -4.13 -55.06
N PRO B 443 17.58 -3.69 -55.41
CA PRO B 443 18.77 -4.51 -55.19
C PRO B 443 18.90 -5.13 -53.80
N GLN B 444 18.65 -4.34 -52.76
CA GLN B 444 18.79 -4.86 -51.40
C GLN B 444 17.53 -5.01 -50.55
N TYR B 445 16.39 -4.64 -51.11
CA TYR B 445 15.14 -4.76 -50.37
C TYR B 445 13.91 -4.60 -51.25
N ILE B 446 12.76 -5.01 -50.71
CA ILE B 446 11.48 -4.96 -51.40
C ILE B 446 10.48 -4.14 -50.56
N LEU B 447 9.66 -3.32 -51.22
CA LEU B 447 8.64 -2.54 -50.53
C LEU B 447 7.26 -2.92 -51.09
N ARG B 448 6.39 -3.43 -50.23
CA ARG B 448 5.05 -3.81 -50.64
C ARG B 448 4.02 -2.90 -49.95
N GLU B 449 2.97 -2.53 -50.69
CA GLU B 449 1.92 -1.68 -50.15
C GLU B 449 0.61 -2.48 -50.18
N PHE B 450 -0.16 -2.37 -49.09
CA PHE B 450 -1.44 -3.07 -48.98
C PHE B 450 -2.54 -2.14 -48.47
N LYS B 451 -3.76 -2.39 -48.92
CA LYS B 451 -4.90 -1.65 -48.46
C LYS B 451 -5.58 -2.70 -47.59
N VAL B 452 -5.83 -2.37 -46.32
CA VAL B 452 -6.48 -3.31 -45.41
C VAL B 452 -7.81 -2.74 -44.94
N THR B 453 -8.89 -3.48 -45.19
CA THR B 453 -10.22 -3.03 -44.82
C THR B 453 -10.90 -3.95 -43.81
N ASP B 454 -11.42 -3.33 -42.75
CA ASP B 454 -12.14 -4.03 -41.69
C ASP B 454 -13.55 -4.22 -42.21
N ALA B 455 -13.90 -5.45 -42.56
CA ALA B 455 -15.22 -5.75 -43.11
C ALA B 455 -16.36 -5.42 -42.15
N ARG B 456 -16.03 -5.31 -40.86
CA ARG B 456 -17.04 -5.00 -39.87
C ARG B 456 -17.63 -3.59 -40.03
N ASP B 457 -16.81 -2.60 -40.38
CA ASP B 457 -17.32 -1.24 -40.55
C ASP B 457 -16.87 -0.50 -41.81
N GLY B 458 -16.21 -1.20 -42.73
CA GLY B 458 -15.78 -0.58 -43.97
C GLY B 458 -14.61 0.35 -43.85
N GLN B 459 -14.04 0.50 -42.65
CA GLN B 459 -12.88 1.38 -42.45
C GLN B 459 -11.60 0.72 -42.94
N SER B 460 -10.70 1.52 -43.49
CA SER B 460 -9.45 0.96 -43.99
C SER B 460 -8.19 1.76 -43.72
N ARG B 461 -7.05 1.11 -43.88
CA ARG B 461 -5.74 1.73 -43.68
C ARG B 461 -4.79 1.18 -44.72
N THR B 462 -3.67 1.87 -44.93
CA THR B 462 -2.65 1.41 -45.88
C THR B 462 -1.51 0.90 -45.02
N ILE B 463 -1.10 -0.32 -45.29
CA ILE B 463 -0.02 -0.95 -44.55
C ILE B 463 1.14 -1.10 -45.52
N ARG B 464 2.32 -0.66 -45.10
CA ARG B 464 3.53 -0.73 -45.92
C ARG B 464 4.54 -1.72 -45.33
N GLN B 465 4.98 -2.67 -46.15
CA GLN B 465 5.93 -3.70 -45.71
C GLN B 465 7.33 -3.60 -46.38
N PHE B 466 8.36 -3.40 -45.56
CA PHE B 466 9.75 -3.29 -46.01
C PHE B 466 10.46 -4.63 -45.75
N GLN B 467 10.92 -5.29 -46.81
CA GLN B 467 11.63 -6.56 -46.62
C GLN B 467 13.08 -6.47 -47.07
N PHE B 468 14.01 -6.57 -46.12
CA PHE B 468 15.42 -6.53 -46.45
C PHE B 468 15.75 -7.92 -46.97
N THR B 469 16.24 -7.99 -48.20
CA THR B 469 16.55 -9.26 -48.83
C THR B 469 18.05 -9.50 -48.98
N ASP B 470 18.86 -8.59 -48.45
CA ASP B 470 20.31 -8.74 -48.61
C ASP B 470 21.11 -9.19 -47.40
N TRP B 471 20.46 -9.79 -46.41
CA TRP B 471 21.23 -10.28 -45.27
C TRP B 471 21.76 -11.66 -45.67
N PRO B 472 23.08 -11.88 -45.52
CA PRO B 472 23.68 -13.18 -45.88
C PRO B 472 23.02 -14.34 -45.14
N GLU B 473 22.79 -15.45 -45.85
CA GLU B 473 22.15 -16.60 -45.23
C GLU B 473 22.98 -17.20 -44.10
N GLN B 474 24.25 -16.81 -44.08
CA GLN B 474 25.18 -17.23 -43.05
C GLN B 474 25.96 -15.98 -42.65
N GLY B 475 26.07 -15.74 -41.36
CA GLY B 475 26.81 -14.58 -40.91
C GLY B 475 26.05 -13.28 -40.95
N VAL B 476 26.79 -12.17 -40.95
CA VAL B 476 26.20 -10.83 -40.97
C VAL B 476 26.79 -9.93 -42.06
N PRO B 477 26.06 -8.86 -42.44
CA PRO B 477 26.50 -7.90 -43.46
C PRO B 477 27.93 -7.42 -43.20
N LYS B 478 28.73 -7.35 -44.27
CA LYS B 478 30.12 -6.93 -44.14
C LYS B 478 30.27 -5.46 -43.73
N THR B 479 29.51 -4.57 -44.36
CA THR B 479 29.62 -3.15 -44.08
C THR B 479 28.44 -2.53 -43.33
N GLY B 480 27.24 -3.05 -43.55
CA GLY B 480 26.07 -2.49 -42.90
C GLY B 480 25.60 -1.23 -43.61
N GLU B 481 26.36 -0.80 -44.61
CA GLU B 481 26.00 0.39 -45.36
C GLU B 481 24.57 0.29 -45.92
N GLY B 482 24.29 -0.81 -46.60
CA GLY B 482 22.96 -1.01 -47.17
C GLY B 482 21.87 -1.13 -46.12
N PHE B 483 22.22 -1.66 -44.95
CA PHE B 483 21.24 -1.83 -43.88
C PHE B 483 20.85 -0.47 -43.28
N ILE B 484 21.83 0.43 -43.19
CA ILE B 484 21.59 1.77 -42.65
C ILE B 484 20.62 2.51 -43.57
N ASP B 485 20.84 2.39 -44.88
CA ASP B 485 19.96 3.01 -45.86
C ASP B 485 18.53 2.49 -45.66
N PHE B 486 18.42 1.18 -45.45
CA PHE B 486 17.16 0.50 -45.24
C PHE B 486 16.46 1.00 -43.98
N ILE B 487 17.21 1.16 -42.90
CA ILE B 487 16.64 1.65 -41.66
C ILE B 487 16.10 3.05 -41.98
N GLY B 488 16.86 3.80 -42.76
CA GLY B 488 16.47 5.15 -43.15
C GLY B 488 15.20 5.22 -43.99
N GLN B 489 14.99 4.24 -44.86
CA GLN B 489 13.80 4.21 -45.70
C GLN B 489 12.55 3.93 -44.88
N VAL B 490 12.65 2.98 -43.95
CA VAL B 490 11.52 2.62 -43.10
C VAL B 490 11.03 3.82 -42.32
N HIS B 491 11.93 4.49 -41.60
CA HIS B 491 11.53 5.64 -40.80
C HIS B 491 11.15 6.85 -41.63
N LYS B 492 11.78 7.02 -42.79
CA LYS B 492 11.46 8.15 -43.66
C LYS B 492 10.01 8.01 -44.12
N THR B 493 9.67 6.83 -44.60
CA THR B 493 8.33 6.55 -45.08
C THR B 493 7.31 6.72 -43.94
N LYS B 494 7.65 6.23 -42.76
CA LYS B 494 6.76 6.34 -41.62
C LYS B 494 6.36 7.80 -41.38
N GLU B 495 7.34 8.69 -41.33
CA GLU B 495 7.07 10.11 -41.11
C GLU B 495 6.35 10.73 -42.29
N GLN B 496 6.79 10.41 -43.50
CA GLN B 496 6.20 10.91 -44.74
C GLN B 496 4.67 10.82 -44.78
N PHE B 497 4.14 9.64 -44.45
CA PHE B 497 2.70 9.44 -44.48
C PHE B 497 2.05 9.54 -43.11
N GLY B 498 2.78 10.16 -42.19
CA GLY B 498 2.27 10.34 -40.84
C GLY B 498 1.66 9.12 -40.17
N GLN B 499 2.36 7.99 -40.18
CA GLN B 499 1.86 6.79 -39.52
C GLN B 499 2.34 6.81 -38.07
N ASP B 500 1.38 6.82 -37.14
CA ASP B 500 1.72 6.90 -35.72
C ASP B 500 1.88 5.65 -34.88
N GLY B 501 1.43 4.50 -35.38
CA GLY B 501 1.55 3.30 -34.57
C GLY B 501 2.96 2.75 -34.41
N PRO B 502 3.12 1.61 -33.72
CA PRO B 502 4.44 1.03 -33.56
C PRO B 502 4.89 0.39 -34.88
N ILE B 503 6.19 0.20 -35.03
CA ILE B 503 6.73 -0.43 -36.23
C ILE B 503 6.85 -1.89 -35.81
N THR B 504 6.30 -2.79 -36.63
CA THR B 504 6.37 -4.22 -36.31
C THR B 504 7.60 -4.79 -37.04
N VAL B 505 8.49 -5.42 -36.27
CA VAL B 505 9.72 -5.97 -36.83
C VAL B 505 9.87 -7.47 -36.60
N HIS B 506 10.09 -8.23 -37.67
CA HIS B 506 10.26 -9.67 -37.55
C HIS B 506 11.39 -10.26 -38.40
N CYS B 507 12.02 -11.33 -37.89
CA CYS B 507 13.08 -12.06 -38.59
C CYS B 507 12.69 -13.52 -38.37
N SER B 508 13.54 -14.32 -37.74
CA SER B 508 13.16 -15.72 -37.49
C SER B 508 12.37 -15.81 -36.17
N ALA B 509 13.02 -15.51 -35.06
CA ALA B 509 12.38 -15.53 -33.75
C ALA B 509 12.16 -14.12 -33.17
N GLY B 510 12.49 -13.10 -33.96
CA GLY B 510 12.31 -11.72 -33.52
C GLY B 510 13.29 -11.19 -32.49
N VAL B 511 14.49 -11.78 -32.40
CA VAL B 511 15.50 -11.33 -31.44
C VAL B 511 16.87 -10.99 -32.04
N GLY B 512 17.30 -11.71 -33.07
CA GLY B 512 18.62 -11.46 -33.67
C GLY B 512 18.72 -10.30 -34.65
N ARG B 513 18.39 -10.55 -35.92
CA ARG B 513 18.43 -9.49 -36.94
C ARG B 513 17.47 -8.38 -36.49
N THR B 514 16.36 -8.77 -35.88
CA THR B 514 15.36 -7.82 -35.36
C THR B 514 16.01 -6.94 -34.30
N GLY B 515 16.89 -7.53 -33.50
CA GLY B 515 17.58 -6.79 -32.46
C GLY B 515 18.56 -5.77 -33.02
N VAL B 516 19.20 -6.10 -34.12
CA VAL B 516 20.14 -5.18 -34.74
C VAL B 516 19.36 -4.00 -35.34
N PHE B 517 18.22 -4.31 -35.97
CA PHE B 517 17.40 -3.26 -36.56
C PHE B 517 16.96 -2.25 -35.51
N ILE B 518 16.34 -2.74 -34.45
CA ILE B 518 15.86 -1.86 -33.38
C ILE B 518 16.98 -1.16 -32.61
N THR B 519 18.05 -1.87 -32.33
CA THR B 519 19.17 -1.29 -31.60
C THR B 519 19.72 -0.11 -32.40
N LEU B 520 20.00 -0.36 -33.68
CA LEU B 520 20.53 0.67 -34.56
C LEU B 520 19.54 1.82 -34.77
N SER B 521 18.27 1.49 -34.89
CA SER B 521 17.24 2.50 -35.07
C SER B 521 17.37 3.56 -33.96
N ILE B 522 17.54 3.06 -32.73
CA ILE B 522 17.68 3.88 -31.54
C ILE B 522 19.02 4.61 -31.46
N VAL B 523 20.11 3.82 -31.51
CA VAL B 523 21.47 4.35 -31.43
C VAL B 523 21.83 5.35 -32.52
N LEU B 524 21.49 5.05 -33.77
CA LEU B 524 21.83 5.96 -34.85
C LEU B 524 21.18 7.32 -34.66
N GLU B 525 19.92 7.33 -34.22
CA GLU B 525 19.23 8.61 -34.02
C GLU B 525 19.80 9.39 -32.85
N ARG B 526 19.99 8.72 -31.72
CA ARG B 526 20.54 9.37 -30.53
C ARG B 526 21.94 9.90 -30.78
N MET B 527 22.73 9.17 -31.57
CA MET B 527 24.09 9.58 -31.90
C MET B 527 24.00 10.88 -32.70
N ARG B 528 22.97 10.98 -33.51
CA ARG B 528 22.75 12.15 -34.34
C ARG B 528 22.28 13.35 -33.52
N TYR B 529 21.57 13.09 -32.42
CA TYR B 529 21.04 14.17 -31.59
C TYR B 529 21.78 14.49 -30.29
N GLU B 530 22.47 13.49 -29.72
CA GLU B 530 23.20 13.72 -28.48
C GLU B 530 24.72 13.54 -28.59
N GLY B 531 25.19 13.15 -29.78
CA GLY B 531 26.62 12.97 -29.97
C GLY B 531 27.27 11.93 -29.10
N VAL B 532 26.51 10.95 -28.61
CA VAL B 532 27.05 9.89 -27.78
C VAL B 532 26.54 8.54 -28.25
N VAL B 533 27.20 7.48 -27.78
CA VAL B 533 26.83 6.12 -28.14
C VAL B 533 26.96 5.19 -26.93
N ASP B 534 25.87 4.54 -26.57
CA ASP B 534 25.89 3.59 -25.49
C ASP B 534 25.21 2.29 -25.96
N MET B 535 25.97 1.47 -26.67
CA MET B 535 25.52 0.20 -27.22
C MET B 535 25.09 -0.80 -26.15
N PHE B 536 25.90 -0.91 -25.10
CA PHE B 536 25.62 -1.85 -24.02
C PHE B 536 24.32 -1.55 -23.28
N GLN B 537 24.09 -0.30 -22.91
CA GLN B 537 22.86 0.03 -22.19
C GLN B 537 21.63 -0.12 -23.10
N THR B 538 21.79 0.18 -24.39
CA THR B 538 20.68 0.07 -25.32
C THR B 538 20.19 -1.39 -25.39
N VAL B 539 21.10 -2.31 -25.68
CA VAL B 539 20.77 -3.73 -25.77
C VAL B 539 20.31 -4.29 -24.43
N LYS B 540 21.00 -3.92 -23.35
CA LYS B 540 20.62 -4.38 -22.02
C LYS B 540 19.15 -4.03 -21.77
N THR B 541 18.80 -2.78 -22.09
CA THR B 541 17.43 -2.28 -21.91
C THR B 541 16.44 -3.05 -22.78
N LEU B 542 16.79 -3.31 -24.03
CA LEU B 542 15.90 -4.05 -24.91
C LEU B 542 15.64 -5.45 -24.37
N ARG B 543 16.67 -6.05 -23.76
CA ARG B 543 16.56 -7.40 -23.20
C ARG B 543 15.63 -7.54 -21.99
N THR B 544 15.30 -6.44 -21.34
CA THR B 544 14.37 -6.52 -20.21
C THR B 544 12.96 -6.57 -20.81
N GLN B 545 12.86 -6.27 -22.11
CA GLN B 545 11.57 -6.24 -22.80
C GLN B 545 11.25 -7.49 -23.64
N ARG B 546 12.29 -8.15 -24.12
CA ARG B 546 12.16 -9.38 -24.91
C ARG B 546 13.50 -10.08 -24.75
N PRO B 547 13.48 -11.38 -24.48
CA PRO B 547 14.76 -12.09 -24.31
C PRO B 547 15.67 -12.22 -25.55
N ALA B 548 16.98 -12.09 -25.31
CA ALA B 548 17.99 -12.27 -26.35
C ALA B 548 18.19 -11.26 -27.48
N MET B 549 17.67 -10.04 -27.34
CA MET B 549 17.82 -9.04 -28.40
C MET B 549 19.31 -8.90 -28.74
N VAL B 550 19.63 -9.02 -30.04
CA VAL B 550 21.02 -9.00 -30.54
C VAL B 550 21.59 -10.29 -29.95
N GLN B 551 21.26 -11.38 -30.64
CA GLN B 551 21.60 -12.73 -30.22
C GLN B 551 23.03 -13.25 -30.27
N THR B 552 23.81 -12.85 -31.28
CA THR B 552 25.18 -13.32 -31.37
C THR B 552 26.20 -12.19 -31.29
N GLU B 553 27.43 -12.52 -30.97
CA GLU B 553 28.48 -11.51 -30.84
C GLU B 553 28.79 -10.79 -32.16
N ASP B 554 28.66 -11.50 -33.28
CA ASP B 554 28.94 -10.85 -34.56
C ASP B 554 27.85 -9.85 -34.91
N GLN B 555 26.65 -10.05 -34.36
CA GLN B 555 25.53 -9.14 -34.59
C GLN B 555 25.78 -7.89 -33.77
N TYR B 556 26.34 -8.09 -32.57
CA TYR B 556 26.68 -7.01 -31.64
C TYR B 556 27.84 -6.20 -32.25
N GLN B 557 28.75 -6.91 -32.89
CA GLN B 557 29.91 -6.29 -33.55
C GLN B 557 29.41 -5.44 -34.74
N LEU B 558 28.43 -5.97 -35.48
CA LEU B 558 27.86 -5.27 -36.62
C LEU B 558 27.20 -3.94 -36.20
N CYS B 559 26.54 -3.93 -35.04
CA CYS B 559 25.90 -2.72 -34.54
C CYS B 559 26.96 -1.62 -34.40
N TYR B 560 28.09 -1.99 -33.82
CA TYR B 560 29.21 -1.07 -33.63
C TYR B 560 29.76 -0.65 -35.00
N ARG B 561 29.97 -1.63 -35.87
CA ARG B 561 30.49 -1.37 -37.22
C ARG B 561 29.60 -0.38 -37.99
N ALA B 562 28.28 -0.59 -37.94
CA ALA B 562 27.34 0.26 -38.64
C ALA B 562 27.27 1.66 -38.05
N ALA B 563 27.34 1.77 -36.74
CA ALA B 563 27.28 3.07 -36.09
C ALA B 563 28.43 3.94 -36.61
N LEU B 564 29.61 3.32 -36.75
CA LEU B 564 30.78 4.03 -37.25
C LEU B 564 30.57 4.43 -38.71
N GLU B 565 30.02 3.51 -39.51
CA GLU B 565 29.74 3.77 -40.93
C GLU B 565 28.85 5.01 -41.05
N TYR B 566 27.85 5.09 -40.16
CA TYR B 566 26.90 6.19 -40.14
C TYR B 566 27.56 7.48 -39.66
N LEU B 567 28.41 7.35 -38.64
CA LEU B 567 29.13 8.46 -38.07
C LEU B 567 29.93 9.18 -39.16
N GLY B 568 30.50 8.40 -40.08
CA GLY B 568 31.30 8.97 -41.14
C GLY B 568 30.55 9.48 -42.35
N SER B 569 29.30 9.05 -42.49
CA SER B 569 28.48 9.48 -43.62
C SER B 569 28.03 10.92 -43.43
N PHE B 570 28.18 11.42 -42.21
CA PHE B 570 27.79 12.79 -41.87
C PHE B 570 28.47 13.83 -42.75
#